data_5NEK
#
_entry.id   5NEK
#
_cell.length_a   49.388
_cell.length_b   118.211
_cell.length_c   98.265
_cell.angle_alpha   90.00
_cell.angle_beta   102.09
_cell.angle_gamma   90.00
#
_symmetry.space_group_name_H-M   'P 1 21 1'
#
loop_
_entity.id
_entity.type
_entity.pdbx_description
1 polymer 'Peptidoglycan N-acetylglucosamine deacetylase'
2 non-polymer 'ZINC ION'
3 non-polymer 'ACETATE ION'
4 non-polymer 5-ACETAMIDO-1,3,4-THIADIAZOLE-2-SULFONAMIDE
5 non-polymer 'TRIETHYLENE GLYCOL'
6 water water
#
_entity_poly.entity_id   1
_entity_poly.type   'polypeptide(L)'
_entity_poly.pdbx_seq_one_letter_code
;FQSITSPAKAVAKQENVVQLASEQPKVEMNKTAPSRFNGKERKVAYLTFDDGPGKYTAELLNTLKQHDAKATFFLIGANV
KEFPDLVKRENAEGHYVGMHSMTHNFAKLYKNGEYVNEMKEDQGLIANIIGKSPKLTRPPYGSMPGLNEGLRNKVVEGGF
KVWDWTIDSLDWRYNKMPVDAAAAQIAQNVLTNATKPQEVILMHDIHPQSVAAVPAILKGLKEKGYEFEAYHEESHFPVN
FWHDNRM
;
_entity_poly.pdbx_strand_id   A,B,C,D
#
# COMPACT_ATOMS: atom_id res chain seq x y z
N LYS A 43 -36.22 -10.88 -3.63
CA LYS A 43 -35.12 -10.64 -4.58
C LYS A 43 -35.49 -9.61 -5.65
N VAL A 44 -34.64 -8.60 -5.84
CA VAL A 44 -34.90 -7.51 -6.80
C VAL A 44 -33.68 -7.39 -7.70
N ALA A 45 -33.90 -7.34 -9.02
CA ALA A 45 -32.85 -7.33 -10.03
C ALA A 45 -32.91 -6.05 -10.84
N TYR A 46 -31.78 -5.32 -10.88
CA TYR A 46 -31.71 -3.99 -11.48
C TYR A 46 -30.94 -4.03 -12.80
N LEU A 47 -31.68 -4.01 -13.91
CA LEU A 47 -31.08 -4.00 -15.23
C LEU A 47 -30.54 -2.62 -15.59
N THR A 48 -29.28 -2.58 -16.03
CA THR A 48 -28.67 -1.31 -16.43
C THR A 48 -28.09 -1.44 -17.83
N PHE A 49 -28.18 -0.36 -18.62
CA PHE A 49 -27.80 -0.36 -20.03
C PHE A 49 -26.96 0.89 -20.29
N ASP A 50 -25.67 0.67 -20.60
CA ASP A 50 -24.66 1.71 -20.78
C ASP A 50 -24.50 2.10 -22.25
N ASP A 51 -23.83 3.23 -22.45
CA ASP A 51 -23.34 3.74 -23.74
C ASP A 51 -24.43 4.09 -24.75
N GLY A 52 -25.70 4.06 -24.35
CA GLY A 52 -26.81 4.34 -25.25
C GLY A 52 -27.39 5.74 -25.09
N PRO A 53 -28.51 6.02 -25.78
CA PRO A 53 -29.33 5.16 -26.65
C PRO A 53 -28.74 4.90 -28.05
N GLY A 54 -29.27 3.90 -28.73
CA GLY A 54 -28.83 3.61 -30.07
C GLY A 54 -29.86 2.81 -30.87
N LYS A 55 -29.34 2.14 -31.92
CA LYS A 55 -30.19 1.45 -32.90
C LYS A 55 -31.22 0.54 -32.25
N TYR A 56 -30.77 -0.28 -31.32
CA TYR A 56 -31.61 -1.35 -30.82
C TYR A 56 -32.35 -0.95 -29.56
N THR A 57 -32.14 0.29 -29.07
CA THR A 57 -32.77 0.71 -27.82
C THR A 57 -34.28 0.57 -27.91
N ALA A 58 -34.85 0.87 -29.08
CA ALA A 58 -36.28 0.83 -29.23
C ALA A 58 -36.82 -0.58 -28.99
N GLU A 59 -36.30 -1.57 -29.72
CA GLU A 59 -36.83 -2.93 -29.58
C GLU A 59 -36.62 -3.47 -28.18
N LEU A 60 -35.47 -3.17 -27.56
CA LEU A 60 -35.28 -3.46 -26.15
C LEU A 60 -36.47 -2.96 -25.34
N LEU A 61 -36.84 -1.70 -25.56
CA LEU A 61 -37.95 -1.09 -24.82
C LEU A 61 -39.26 -1.84 -25.04
N ASN A 62 -39.45 -2.44 -26.22
CA ASN A 62 -40.64 -3.25 -26.43
C ASN A 62 -40.57 -4.52 -25.59
N THR A 63 -39.40 -5.16 -25.54
CA THR A 63 -39.24 -6.38 -24.76
C THR A 63 -39.40 -6.10 -23.27
N LEU A 64 -38.87 -4.98 -22.81
CA LEU A 64 -39.08 -4.58 -21.43
C LEU A 64 -40.56 -4.32 -21.14
N LYS A 65 -41.20 -3.48 -21.97
CA LYS A 65 -42.64 -3.26 -21.84
C LYS A 65 -43.42 -4.55 -21.96
N GLN A 66 -42.97 -5.44 -22.87
CA GLN A 66 -43.69 -6.68 -23.15
C GLN A 66 -43.66 -7.63 -21.96
N HIS A 67 -42.54 -7.66 -21.21
CA HIS A 67 -42.42 -8.50 -20.04
C HIS A 67 -42.67 -7.73 -18.75
N ASP A 68 -43.30 -6.54 -18.87
CA ASP A 68 -43.69 -5.69 -17.74
C ASP A 68 -42.48 -5.40 -16.85
N ALA A 69 -41.38 -5.01 -17.49
CA ALA A 69 -40.08 -4.96 -16.85
C ALA A 69 -39.51 -3.54 -16.92
N LYS A 70 -38.98 -3.09 -15.78
CA LYS A 70 -38.41 -1.75 -15.62
C LYS A 70 -36.90 -1.83 -15.42
N ALA A 71 -36.18 -0.95 -16.11
CA ALA A 71 -34.74 -0.98 -16.22
C ALA A 71 -34.18 0.41 -15.95
N THR A 72 -32.86 0.52 -16.13
CA THR A 72 -32.12 1.75 -15.84
C THR A 72 -31.14 2.02 -16.97
N PHE A 73 -31.12 3.25 -17.49
CA PHE A 73 -30.34 3.60 -18.67
C PHE A 73 -29.37 4.72 -18.34
N PHE A 74 -28.08 4.46 -18.55
CA PHE A 74 -27.05 5.48 -18.37
C PHE A 74 -26.62 5.97 -19.74
N LEU A 75 -26.94 7.21 -20.07
CA LEU A 75 -26.87 7.66 -21.46
C LEU A 75 -25.72 8.63 -21.63
N ILE A 76 -25.25 8.74 -22.87
CA ILE A 76 -24.11 9.57 -23.22
C ILE A 76 -24.60 10.82 -23.93
N GLY A 77 -24.00 11.96 -23.58
CA GLY A 77 -24.56 13.24 -23.96
C GLY A 77 -24.74 13.38 -25.46
N ALA A 78 -23.83 12.81 -26.23
CA ALA A 78 -23.96 12.91 -27.67
C ALA A 78 -25.16 12.11 -28.16
N ASN A 79 -25.44 10.98 -27.51
CA ASN A 79 -26.57 10.17 -27.92
C ASN A 79 -27.88 10.73 -27.41
N VAL A 80 -27.81 11.51 -26.34
CA VAL A 80 -28.99 12.25 -25.90
C VAL A 80 -29.34 13.30 -26.94
N LYS A 81 -28.34 14.06 -27.41
CA LYS A 81 -28.58 15.03 -28.47
C LYS A 81 -29.08 14.39 -29.76
N GLU A 82 -28.79 13.11 -29.98
CA GLU A 82 -29.12 12.53 -31.27
C GLU A 82 -30.43 11.75 -31.25
N PHE A 83 -30.80 11.18 -30.11
CA PHE A 83 -32.01 10.36 -30.00
C PHE A 83 -32.93 10.86 -28.88
N PRO A 84 -33.35 12.12 -28.92
CA PRO A 84 -34.20 12.62 -27.83
C PRO A 84 -35.50 11.86 -27.67
N ASP A 85 -36.11 11.40 -28.77
CA ASP A 85 -37.35 10.64 -28.66
C ASP A 85 -37.17 9.35 -27.90
N LEU A 86 -36.01 8.71 -28.02
CA LEU A 86 -35.76 7.54 -27.20
C LEU A 86 -35.66 7.90 -25.74
N VAL A 87 -34.85 8.92 -25.43
CA VAL A 87 -34.71 9.42 -24.06
C VAL A 87 -36.08 9.76 -23.50
N LYS A 88 -36.83 10.57 -24.25
CA LYS A 88 -38.18 10.93 -23.85
C LYS A 88 -39.01 9.69 -23.61
N ARG A 89 -38.85 8.69 -24.47
CA ARG A 89 -39.63 7.47 -24.34
C ARG A 89 -39.23 6.69 -23.10
N GLU A 90 -37.92 6.46 -22.92
CA GLU A 90 -37.42 5.68 -21.79
C GLU A 90 -37.99 6.13 -20.45
N ASN A 91 -37.87 7.42 -20.12
CA ASN A 91 -38.49 7.90 -18.88
C ASN A 91 -39.99 7.68 -18.87
N ALA A 92 -40.65 8.00 -19.99
CA ALA A 92 -42.10 7.92 -20.09
C ALA A 92 -42.64 6.54 -19.76
N GLU A 93 -41.86 5.50 -20.02
CA GLU A 93 -42.30 4.13 -19.76
C GLU A 93 -41.81 3.59 -18.42
N GLY A 94 -41.36 4.46 -17.52
CA GLY A 94 -41.13 4.07 -16.15
C GLY A 94 -39.72 3.60 -15.85
N HIS A 95 -38.79 3.79 -16.76
CA HIS A 95 -37.43 3.40 -16.45
C HIS A 95 -36.69 4.59 -15.83
N TYR A 96 -35.52 4.30 -15.24
CA TYR A 96 -34.67 5.36 -14.76
C TYR A 96 -33.73 5.77 -15.88
N VAL A 97 -33.48 7.07 -15.99
CA VAL A 97 -32.53 7.63 -16.96
C VAL A 97 -31.44 8.37 -16.22
N GLY A 98 -30.19 7.93 -16.41
CA GLY A 98 -29.04 8.44 -15.67
C GLY A 98 -27.89 8.75 -16.61
N MET A 99 -26.80 9.24 -16.03
CA MET A 99 -25.70 9.77 -16.81
C MET A 99 -24.52 8.83 -16.84
N HIS A 100 -23.92 8.72 -18.01
CA HIS A 100 -22.74 7.93 -18.32
C HIS A 100 -21.71 8.81 -19.03
N SER A 101 -21.66 10.11 -18.68
CA SER A 101 -20.67 11.07 -19.18
C SER A 101 -20.99 11.74 -20.50
N MET A 102 -20.10 12.63 -20.93
CA MET A 102 -20.16 13.33 -22.20
C MET A 102 -19.15 12.80 -23.22
N THR A 103 -17.92 12.44 -22.81
CA THR A 103 -16.91 11.99 -23.76
C THR A 103 -16.51 10.51 -23.63
N HIS A 104 -17.06 9.75 -22.67
CA HIS A 104 -16.65 8.36 -22.36
C HIS A 104 -15.13 8.20 -22.53
N ASN A 105 -14.36 9.24 -22.20
CA ASN A 105 -12.90 9.31 -22.40
C ASN A 105 -12.17 9.23 -21.06
N PHE A 106 -11.47 8.11 -20.83
CA PHE A 106 -10.94 7.77 -19.50
C PHE A 106 -10.01 8.84 -18.95
N ALA A 107 -9.19 9.46 -19.82
CA ALA A 107 -8.17 10.39 -19.36
C ALA A 107 -8.76 11.73 -18.92
N LYS A 108 -9.66 12.27 -19.76
CA LYS A 108 -10.37 13.49 -19.40
C LYS A 108 -11.15 13.31 -18.10
N LEU A 109 -11.95 12.25 -18.02
CA LEU A 109 -12.81 12.07 -16.86
C LEU A 109 -11.99 12.04 -15.57
N TYR A 110 -10.91 11.25 -15.54
CA TYR A 110 -10.24 10.94 -14.27
C TYR A 110 -8.85 11.55 -14.10
N LYS A 111 -7.96 11.51 -15.11
CA LYS A 111 -6.73 12.29 -14.95
C LYS A 111 -6.97 13.78 -15.02
N ASN A 112 -8.02 14.27 -15.68
CA ASN A 112 -8.28 15.70 -15.66
C ASN A 112 -9.44 16.11 -14.76
N GLY A 113 -10.07 15.16 -14.08
CA GLY A 113 -11.09 15.51 -13.10
C GLY A 113 -12.30 16.18 -13.71
N GLU A 114 -12.55 15.93 -14.99
CA GLU A 114 -13.72 16.45 -15.68
C GLU A 114 -14.96 15.59 -15.47
N TYR A 115 -14.84 14.51 -14.70
CA TYR A 115 -15.97 13.62 -14.43
C TYR A 115 -17.20 14.39 -13.96
N VAL A 116 -17.07 15.13 -12.87
CA VAL A 116 -18.22 15.88 -12.35
C VAL A 116 -18.79 16.80 -13.43
N ASN A 117 -17.94 17.66 -14.00
CA ASN A 117 -18.32 18.53 -15.11
C ASN A 117 -19.08 17.80 -16.21
N GLU A 118 -18.50 16.74 -16.75
CA GLU A 118 -19.21 16.05 -17.82
C GLU A 118 -20.51 15.46 -17.32
N MET A 119 -20.54 15.01 -16.07
CA MET A 119 -21.79 14.48 -15.54
C MET A 119 -22.83 15.59 -15.37
N LYS A 120 -22.42 16.76 -14.87
CA LYS A 120 -23.36 17.86 -14.69
C LYS A 120 -23.96 18.29 -16.03
N GLU A 121 -23.10 18.49 -17.03
CA GLU A 121 -23.55 18.86 -18.38
C GLU A 121 -24.48 17.81 -18.98
N ASP A 122 -24.13 16.53 -18.83
CA ASP A 122 -25.01 15.47 -19.31
C ASP A 122 -26.37 15.56 -18.64
N GLN A 123 -26.37 15.60 -17.31
CA GLN A 123 -27.62 15.73 -16.55
C GLN A 123 -28.49 16.87 -17.08
N GLY A 124 -27.87 17.98 -17.46
CA GLY A 124 -28.56 19.10 -18.08
C GLY A 124 -29.29 18.68 -19.33
N LEU A 125 -28.55 18.28 -20.37
CA LEU A 125 -29.12 17.76 -21.61
C LEU A 125 -30.32 16.85 -21.32
N ILE A 126 -30.17 15.97 -20.33
CA ILE A 126 -31.23 15.01 -20.04
C ILE A 126 -32.44 15.70 -19.45
N ALA A 127 -32.22 16.66 -18.55
CA ALA A 127 -33.34 17.33 -17.89
C ALA A 127 -34.20 18.11 -18.90
N ASN A 128 -33.57 18.78 -19.86
CA ASN A 128 -34.28 19.47 -20.92
C ASN A 128 -35.23 18.60 -21.68
N ILE A 129 -35.23 17.30 -21.43
CA ILE A 129 -36.09 16.37 -22.13
C ILE A 129 -37.13 15.75 -21.22
N ILE A 130 -36.76 15.45 -19.99
CA ILE A 130 -37.67 14.79 -19.07
C ILE A 130 -38.06 15.70 -17.91
N GLY A 131 -37.50 16.90 -17.83
CA GLY A 131 -37.96 17.91 -16.91
C GLY A 131 -37.56 17.70 -15.49
N LYS A 132 -36.78 16.68 -15.20
CA LYS A 132 -36.13 16.49 -13.90
C LYS A 132 -34.63 16.29 -14.12
N SER A 133 -33.85 16.61 -13.09
CA SER A 133 -32.41 16.38 -13.15
C SER A 133 -32.05 15.09 -12.42
N PRO A 134 -31.66 14.04 -13.14
CA PRO A 134 -31.20 12.82 -12.47
C PRO A 134 -29.92 13.04 -11.71
N LYS A 135 -29.74 12.26 -10.64
CA LYS A 135 -28.54 12.36 -9.82
C LYS A 135 -27.63 11.13 -9.91
N LEU A 136 -28.13 10.00 -10.36
CA LEU A 136 -27.36 8.77 -10.40
C LEU A 136 -26.51 8.69 -11.66
N THR A 137 -25.22 8.52 -11.48
CA THR A 137 -24.27 8.34 -12.56
C THR A 137 -23.68 6.94 -12.55
N ARG A 138 -23.22 6.53 -13.73
CA ARG A 138 -22.50 5.27 -13.94
C ARG A 138 -21.19 5.64 -14.62
N PRO A 139 -20.07 5.60 -13.89
CA PRO A 139 -18.82 6.06 -14.46
C PRO A 139 -18.38 5.15 -15.59
N PRO A 140 -17.95 5.72 -16.71
CA PRO A 140 -17.34 4.89 -17.76
C PRO A 140 -16.16 4.13 -17.18
N TYR A 141 -16.10 2.83 -17.52
CA TYR A 141 -15.04 1.93 -17.09
C TYR A 141 -15.06 1.69 -15.59
N GLY A 142 -16.16 2.00 -14.91
CA GLY A 142 -16.28 1.75 -13.49
C GLY A 142 -15.50 2.77 -12.65
N SER A 143 -15.95 2.93 -11.39
CA SER A 143 -15.32 3.91 -10.49
C SER A 143 -13.89 3.52 -10.11
N MET A 144 -13.58 2.16 -10.03
CA MET A 144 -12.24 1.71 -9.69
C MET A 144 -11.38 1.72 -10.93
N PRO A 145 -10.17 2.33 -10.87
CA PRO A 145 -9.68 3.12 -9.75
C PRO A 145 -9.65 4.61 -10.09
N GLY A 146 -10.38 5.00 -11.14
CA GLY A 146 -10.26 6.34 -11.68
C GLY A 146 -10.95 7.39 -10.86
N LEU A 147 -11.88 6.98 -10.00
CA LEU A 147 -12.64 7.92 -9.17
C LEU A 147 -11.96 8.05 -7.80
N ASN A 148 -10.93 8.89 -7.78
CA ASN A 148 -10.13 9.02 -6.56
C ASN A 148 -10.87 9.75 -5.44
N GLU A 149 -10.25 9.72 -4.26
CA GLU A 149 -10.79 10.42 -3.10
C GLU A 149 -11.08 11.88 -3.44
N GLY A 150 -10.18 12.52 -4.20
CA GLY A 150 -10.44 13.87 -4.63
C GLY A 150 -11.73 13.99 -5.41
N LEU A 151 -11.88 13.13 -6.43
CA LEU A 151 -13.09 13.20 -7.24
C LEU A 151 -14.30 12.71 -6.48
N ARG A 152 -14.16 11.61 -5.75
CA ARG A 152 -15.30 11.12 -5.00
C ARG A 152 -15.85 12.20 -4.07
N ASN A 153 -14.98 13.09 -3.58
CA ASN A 153 -15.45 14.27 -2.84
C ASN A 153 -16.38 15.13 -3.72
N LYS A 154 -15.90 15.55 -4.89
CA LYS A 154 -16.66 16.45 -5.74
C LYS A 154 -18.01 15.85 -6.13
N VAL A 155 -18.03 14.55 -6.41
CA VAL A 155 -19.27 13.85 -6.74
C VAL A 155 -20.25 13.93 -5.58
N VAL A 156 -19.73 13.81 -4.35
CA VAL A 156 -20.60 13.89 -3.17
C VAL A 156 -21.08 15.32 -2.95
N GLU A 157 -20.17 16.29 -3.12
CA GLU A 157 -20.51 17.70 -3.06
C GLU A 157 -21.49 18.09 -4.18
N GLY A 158 -21.24 17.64 -5.39
CA GLY A 158 -22.18 18.01 -6.45
C GLY A 158 -23.55 17.38 -6.38
N GLY A 159 -23.85 16.54 -5.39
CA GLY A 159 -25.18 16.00 -5.24
C GLY A 159 -25.47 14.68 -5.92
N PHE A 160 -24.48 14.06 -6.57
CA PHE A 160 -24.67 12.84 -7.33
C PHE A 160 -24.39 11.59 -6.50
N LYS A 161 -25.06 10.51 -6.85
CA LYS A 161 -24.61 9.17 -6.50
C LYS A 161 -23.83 8.53 -7.66
N VAL A 162 -23.21 7.39 -7.37
CA VAL A 162 -22.43 6.66 -8.38
C VAL A 162 -22.79 5.18 -8.26
N TRP A 163 -22.98 4.53 -9.41
CA TRP A 163 -23.28 3.11 -9.41
C TRP A 163 -22.36 2.35 -10.35
N ASP A 164 -21.86 1.22 -9.84
CA ASP A 164 -21.14 0.19 -10.58
C ASP A 164 -22.14 -0.94 -10.78
N TRP A 165 -21.67 -2.18 -10.91
CA TRP A 165 -22.54 -3.33 -11.17
C TRP A 165 -22.13 -4.49 -10.26
N THR A 166 -23.00 -5.49 -10.16
CA THR A 166 -22.63 -6.78 -9.59
C THR A 166 -22.24 -7.76 -10.68
N ILE A 167 -22.97 -7.74 -11.77
CA ILE A 167 -22.80 -8.73 -12.81
C ILE A 167 -22.37 -8.01 -14.07
N ASP A 168 -21.29 -8.50 -14.66
CA ASP A 168 -20.81 -8.01 -15.94
C ASP A 168 -21.23 -9.02 -16.99
N SER A 169 -22.26 -8.68 -17.75
CA SER A 169 -22.73 -9.55 -18.82
C SER A 169 -21.63 -9.98 -19.77
N LEU A 170 -20.53 -9.22 -19.84
CA LEU A 170 -19.44 -9.49 -20.80
C LEU A 170 -19.93 -9.44 -22.25
N ASP A 171 -21.07 -8.79 -22.49
CA ASP A 171 -21.65 -8.66 -23.82
C ASP A 171 -20.65 -8.22 -24.88
N TRP A 172 -19.70 -7.37 -24.51
CA TRP A 172 -18.74 -6.79 -25.44
C TRP A 172 -17.78 -7.81 -26.05
N ARG A 173 -17.65 -9.00 -25.46
CA ARG A 173 -16.81 -10.05 -26.02
C ARG A 173 -17.32 -10.52 -27.37
N TYR A 174 -18.63 -10.65 -27.50
CA TYR A 174 -19.23 -11.31 -28.65
C TYR A 174 -19.65 -10.31 -29.74
N ASN A 175 -19.05 -9.12 -29.75
CA ASN A 175 -19.35 -8.09 -30.74
C ASN A 175 -19.10 -8.61 -32.14
N LYS A 176 -19.84 -8.05 -33.09
CA LYS A 176 -19.76 -8.43 -34.50
C LYS A 176 -19.71 -9.94 -34.70
N MET A 177 -20.46 -10.68 -33.88
CA MET A 177 -20.58 -12.13 -33.94
C MET A 177 -22.03 -12.55 -34.13
N PRO A 178 -22.28 -13.83 -34.57
CA PRO A 178 -23.64 -14.36 -34.70
C PRO A 178 -24.56 -14.06 -33.52
N VAL A 179 -25.60 -13.25 -33.75
CA VAL A 179 -26.38 -12.72 -32.65
C VAL A 179 -27.07 -13.85 -31.89
N ASP A 180 -27.60 -14.84 -32.62
CA ASP A 180 -28.21 -15.98 -31.97
C ASP A 180 -27.34 -16.55 -30.86
N ALA A 181 -26.19 -17.12 -31.25
CA ALA A 181 -25.23 -17.69 -30.30
C ALA A 181 -24.86 -16.68 -29.20
N ALA A 182 -24.34 -15.52 -29.62
CA ALA A 182 -23.89 -14.48 -28.70
C ALA A 182 -24.94 -14.21 -27.61
N ALA A 183 -26.17 -13.90 -28.03
CA ALA A 183 -27.21 -13.63 -27.05
C ALA A 183 -27.35 -14.77 -26.06
N ALA A 184 -27.31 -16.02 -26.55
CA ALA A 184 -27.53 -17.18 -25.69
C ALA A 184 -26.49 -17.27 -24.58
N GLN A 185 -25.21 -17.14 -24.95
CA GLN A 185 -24.16 -17.17 -23.95
C GLN A 185 -24.31 -16.01 -22.98
N ILE A 186 -24.61 -14.82 -23.52
CA ILE A 186 -24.74 -13.63 -22.68
C ILE A 186 -25.82 -13.85 -21.64
N ALA A 187 -26.97 -14.36 -22.06
CA ALA A 187 -28.03 -14.71 -21.10
C ALA A 187 -27.47 -15.61 -20.00
N GLN A 188 -26.85 -16.73 -20.40
CA GLN A 188 -26.31 -17.68 -19.42
C GLN A 188 -25.35 -17.00 -18.44
N ASN A 189 -24.37 -16.24 -18.96
CA ASN A 189 -23.41 -15.53 -18.12
C ASN A 189 -24.11 -14.88 -16.94
N VAL A 190 -25.12 -14.07 -17.26
CA VAL A 190 -25.88 -13.37 -16.25
C VAL A 190 -26.61 -14.34 -15.34
N LEU A 191 -27.36 -15.28 -15.93
CA LEU A 191 -28.13 -16.20 -15.11
C LEU A 191 -27.23 -16.94 -14.14
N THR A 192 -26.13 -17.49 -14.65
CA THR A 192 -25.20 -18.27 -13.83
C THR A 192 -24.55 -17.45 -12.72
N ASN A 193 -24.81 -16.14 -12.63
CA ASN A 193 -24.29 -15.30 -11.56
C ASN A 193 -25.39 -14.67 -10.72
N ALA A 194 -26.60 -15.21 -10.75
CA ALA A 194 -27.72 -14.65 -10.02
C ALA A 194 -27.83 -15.38 -8.68
N THR A 195 -27.32 -14.74 -7.63
CA THR A 195 -27.25 -15.37 -6.32
C THR A 195 -27.60 -14.40 -5.20
N LYS A 196 -27.05 -13.19 -5.26
CA LYS A 196 -27.31 -12.21 -4.22
C LYS A 196 -28.74 -11.71 -4.32
N PRO A 197 -29.37 -11.39 -3.17
CA PRO A 197 -30.76 -10.91 -3.20
C PRO A 197 -30.98 -9.68 -4.07
N GLN A 198 -30.07 -8.72 -4.06
CA GLN A 198 -30.07 -7.63 -5.03
C GLN A 198 -28.89 -7.77 -5.97
N GLU A 199 -29.13 -7.48 -7.25
CA GLU A 199 -28.13 -7.56 -8.30
C GLU A 199 -28.27 -6.36 -9.22
N VAL A 200 -27.14 -5.76 -9.57
CA VAL A 200 -27.06 -4.71 -10.58
C VAL A 200 -26.25 -5.25 -11.74
N ILE A 201 -26.88 -5.34 -12.92
CA ILE A 201 -26.27 -5.98 -14.08
C ILE A 201 -25.87 -4.93 -15.10
N LEU A 202 -24.65 -5.06 -15.61
CA LEU A 202 -24.11 -4.21 -16.68
C LEU A 202 -24.41 -4.84 -18.04
N MET A 203 -25.09 -4.09 -18.91
CA MET A 203 -25.39 -4.46 -20.28
C MET A 203 -25.29 -3.22 -21.14
N HIS A 204 -25.38 -3.41 -22.45
CA HIS A 204 -25.18 -2.31 -23.40
C HIS A 204 -26.23 -2.45 -24.48
N ASP A 205 -27.12 -1.46 -24.58
CA ASP A 205 -28.18 -1.48 -25.57
C ASP A 205 -27.73 -0.93 -26.92
N ILE A 206 -26.43 -0.72 -27.10
CA ILE A 206 -25.91 -0.38 -28.41
C ILE A 206 -25.35 -1.60 -29.11
N HIS A 207 -25.51 -2.80 -28.54
CA HIS A 207 -25.02 -4.03 -29.17
C HIS A 207 -26.18 -4.95 -29.49
N PRO A 208 -26.36 -5.38 -30.75
CA PRO A 208 -27.44 -6.35 -31.06
C PRO A 208 -27.47 -7.61 -30.19
N GLN A 209 -26.31 -8.23 -29.90
CA GLN A 209 -26.30 -9.47 -29.15
C GLN A 209 -26.81 -9.30 -27.72
N SER A 210 -26.65 -8.10 -27.14
CA SER A 210 -27.08 -7.84 -25.76
C SER A 210 -28.59 -7.79 -25.66
N VAL A 211 -29.19 -6.89 -26.43
CA VAL A 211 -30.64 -6.76 -26.47
C VAL A 211 -31.28 -8.10 -26.81
N ALA A 212 -30.69 -8.85 -27.73
CA ALA A 212 -31.20 -10.17 -28.05
C ALA A 212 -31.17 -11.09 -26.84
N ALA A 213 -30.20 -10.90 -25.95
CA ALA A 213 -30.08 -11.79 -24.79
C ALA A 213 -31.14 -11.48 -23.75
N VAL A 214 -31.49 -10.20 -23.64
CA VAL A 214 -32.43 -9.74 -22.62
C VAL A 214 -33.65 -10.66 -22.49
N PRO A 215 -34.37 -11.01 -23.57
CA PRO A 215 -35.56 -11.86 -23.40
C PRO A 215 -35.35 -13.06 -22.49
N ALA A 216 -34.28 -13.83 -22.74
CA ALA A 216 -34.03 -15.01 -21.95
C ALA A 216 -33.55 -14.66 -20.54
N ILE A 217 -32.80 -13.57 -20.39
CA ILE A 217 -32.37 -13.17 -19.06
C ILE A 217 -33.58 -12.94 -18.15
N LEU A 218 -34.56 -12.18 -18.65
CA LEU A 218 -35.74 -11.91 -17.86
C LEU A 218 -36.44 -13.20 -17.47
N LYS A 219 -36.44 -14.19 -18.37
CA LYS A 219 -37.12 -15.44 -18.09
C LYS A 219 -36.43 -16.22 -16.99
N GLY A 220 -35.10 -16.29 -17.03
CA GLY A 220 -34.38 -17.05 -16.01
C GLY A 220 -34.47 -16.41 -14.65
N LEU A 221 -34.29 -15.08 -14.58
CA LEU A 221 -34.31 -14.40 -13.30
C LEU A 221 -35.72 -14.34 -12.73
N LYS A 222 -36.74 -14.17 -13.59
CA LYS A 222 -38.13 -14.25 -13.11
C LYS A 222 -38.44 -15.62 -12.53
N GLU A 223 -37.74 -16.65 -13.00
CA GLU A 223 -37.86 -17.99 -12.40
C GLU A 223 -37.10 -18.09 -11.09
N LYS A 224 -36.03 -17.33 -10.94
CA LYS A 224 -35.35 -17.30 -9.67
C LYS A 224 -36.00 -16.33 -8.70
N GLY A 225 -37.24 -15.91 -8.96
CA GLY A 225 -37.97 -15.07 -8.03
C GLY A 225 -37.54 -13.62 -7.96
N TYR A 226 -36.73 -13.13 -8.90
CA TYR A 226 -36.36 -11.73 -8.91
C TYR A 226 -37.50 -10.87 -9.43
N GLU A 227 -37.49 -9.61 -9.00
CA GLU A 227 -38.30 -8.58 -9.62
C GLU A 227 -37.37 -7.64 -10.37
N PHE A 228 -37.89 -7.00 -11.41
CA PHE A 228 -37.08 -6.17 -12.29
C PHE A 228 -37.44 -4.70 -12.06
N GLU A 229 -36.73 -4.06 -11.15
CA GLU A 229 -37.03 -2.68 -10.84
C GLU A 229 -36.06 -1.75 -11.56
N ALA A 230 -36.53 -0.52 -11.75
CA ALA A 230 -35.66 0.60 -12.03
C ALA A 230 -35.14 1.20 -10.73
N TYR A 231 -34.01 1.88 -10.84
CA TYR A 231 -33.52 2.67 -9.72
C TYR A 231 -34.53 3.75 -9.35
N HIS A 232 -34.65 4.03 -8.06
CA HIS A 232 -35.27 5.27 -7.62
C HIS A 232 -34.35 5.95 -6.62
N GLU A 233 -34.22 7.27 -6.78
CA GLU A 233 -33.28 8.04 -6.00
C GLU A 233 -33.66 8.07 -4.53
N GLU A 234 -34.97 8.06 -4.24
CA GLU A 234 -35.46 8.00 -2.87
C GLU A 234 -35.37 6.58 -2.30
N SER A 235 -34.93 5.63 -3.10
CA SER A 235 -34.63 4.28 -2.66
C SER A 235 -33.13 4.01 -2.59
N HIS A 236 -32.30 5.05 -2.75
CA HIS A 236 -30.89 4.87 -3.07
C HIS A 236 -30.18 4.03 -2.02
N PHE A 237 -29.26 3.19 -2.49
CA PHE A 237 -28.29 2.53 -1.63
C PHE A 237 -26.95 2.48 -2.36
N PRO A 238 -25.84 2.36 -1.62
CA PRO A 238 -24.51 2.43 -2.26
C PRO A 238 -24.23 1.16 -3.05
N VAL A 239 -23.77 1.34 -4.29
CA VAL A 239 -23.17 0.26 -5.07
C VAL A 239 -21.99 0.86 -5.83
N ASN A 240 -20.80 0.79 -5.24
CA ASN A 240 -19.59 1.26 -5.90
C ASN A 240 -18.39 0.44 -5.43
N PHE A 241 -17.46 0.22 -6.38
CA PHE A 241 -16.27 -0.58 -6.10
C PHE A 241 -15.44 -0.02 -4.96
N TRP A 242 -15.44 1.30 -4.78
CA TRP A 242 -14.74 1.87 -3.65
C TRP A 242 -15.38 1.51 -2.32
N HIS A 243 -16.62 0.99 -2.36
CA HIS A 243 -17.45 0.82 -1.16
C HIS A 243 -17.64 2.14 -0.43
N ASP A 244 -17.67 3.23 -1.18
CA ASP A 244 -17.93 4.57 -0.63
C ASP A 244 -19.43 4.71 -0.41
N ASN A 245 -19.86 4.59 0.83
CA ASN A 245 -21.26 4.73 1.17
C ASN A 245 -21.67 6.18 1.34
N ARG A 246 -20.95 7.11 0.73
CA ARG A 246 -21.46 8.45 0.51
C ARG A 246 -22.05 8.61 -0.89
N MET A 247 -22.15 7.52 -1.66
CA MET A 247 -22.55 7.57 -3.07
C MET A 247 -23.52 6.48 -3.45
N ARG B 42 0.82 0.54 32.69
CA ARG B 42 0.76 1.97 32.46
C ARG B 42 0.78 2.31 30.95
N LYS B 43 -0.20 1.80 30.20
CA LYS B 43 -0.20 1.88 28.74
C LYS B 43 -0.98 3.11 28.24
N VAL B 44 -0.31 3.91 27.40
CA VAL B 44 -0.88 5.10 26.78
C VAL B 44 -0.60 5.02 25.29
N ALA B 45 -1.59 5.38 24.49
CA ALA B 45 -1.42 5.43 23.04
C ALA B 45 -1.65 6.85 22.59
N TYR B 46 -0.64 7.43 21.96
CA TYR B 46 -0.74 8.78 21.44
C TYR B 46 -1.06 8.65 19.96
N LEU B 47 -2.36 8.74 19.63
CA LEU B 47 -2.79 8.86 18.25
C LEU B 47 -2.47 10.24 17.70
N THR B 48 -1.76 10.28 16.58
CA THR B 48 -1.40 11.54 15.94
C THR B 48 -1.97 11.54 14.54
N PHE B 49 -2.41 12.72 14.09
CA PHE B 49 -3.09 12.90 12.81
C PHE B 49 -2.50 14.11 12.09
N ASP B 50 -1.91 13.84 10.93
CA ASP B 50 -1.09 14.78 10.18
C ASP B 50 -1.77 15.28 8.92
N ASP B 51 -1.37 16.48 8.50
CA ASP B 51 -1.79 17.16 7.27
C ASP B 51 -3.20 17.73 7.38
N GLY B 52 -3.80 17.70 8.57
CA GLY B 52 -5.14 18.19 8.77
C GLY B 52 -5.16 19.69 9.02
N PRO B 53 -6.36 20.23 9.31
CA PRO B 53 -7.60 19.45 9.33
C PRO B 53 -8.22 19.38 7.93
N GLY B 54 -9.24 18.54 7.73
CA GLY B 54 -9.88 18.44 6.42
C GLY B 54 -11.28 17.86 6.43
N LYS B 55 -11.80 17.53 5.24
CA LYS B 55 -13.20 17.17 5.07
C LYS B 55 -13.61 15.89 5.79
N TYR B 56 -12.68 15.15 6.34
CA TYR B 56 -13.04 13.97 7.11
C TYR B 56 -12.79 14.19 8.59
N THR B 57 -12.24 15.35 8.94
CA THR B 57 -11.73 15.60 10.29
C THR B 57 -12.83 15.51 11.33
N ALA B 58 -14.02 16.06 11.00
CA ALA B 58 -15.10 16.19 11.96
C ALA B 58 -15.71 14.85 12.32
N GLU B 59 -16.04 14.03 11.32
CA GLU B 59 -16.44 12.65 11.57
C GLU B 59 -15.48 11.94 12.53
N LEU B 60 -14.16 12.02 12.26
CA LEU B 60 -13.14 11.51 13.17
C LEU B 60 -13.30 12.11 14.55
N LEU B 61 -13.50 13.44 14.62
CA LEU B 61 -13.74 14.06 15.92
C LEU B 61 -14.93 13.44 16.63
N ASN B 62 -15.92 12.93 15.90
CA ASN B 62 -17.08 12.34 16.57
C ASN B 62 -16.78 10.96 17.10
N THR B 63 -16.15 10.11 16.27
CA THR B 63 -15.75 8.79 16.73
C THR B 63 -14.88 8.92 17.98
N LEU B 64 -14.03 9.93 18.02
CA LEU B 64 -13.21 10.16 19.20
C LEU B 64 -14.07 10.46 20.41
N LYS B 65 -15.01 11.41 20.27
CA LYS B 65 -15.91 11.70 21.38
C LYS B 65 -16.73 10.48 21.78
N GLN B 66 -17.17 9.67 20.80
CA GLN B 66 -18.00 8.51 21.11
C GLN B 66 -17.25 7.48 21.96
N HIS B 67 -15.94 7.34 21.74
CA HIS B 67 -15.09 6.45 22.52
C HIS B 67 -14.35 7.18 23.61
N ASP B 68 -14.73 8.44 23.88
CA ASP B 68 -14.10 9.31 24.88
C ASP B 68 -12.58 9.14 24.88
N ALA B 69 -11.98 9.40 23.73
CA ALA B 69 -10.58 9.16 23.52
C ALA B 69 -9.94 10.45 22.99
N LYS B 70 -8.77 10.79 23.53
CA LYS B 70 -8.09 12.03 23.17
C LYS B 70 -6.84 11.72 22.35
N ALA B 71 -6.51 12.64 21.44
CA ALA B 71 -5.46 12.40 20.46
C ALA B 71 -4.80 13.72 20.11
N THR B 72 -3.96 13.70 19.07
CA THR B 72 -3.04 14.80 18.84
C THR B 72 -3.07 15.16 17.38
N PHE B 73 -3.05 16.45 17.09
CA PHE B 73 -3.26 16.93 15.72
C PHE B 73 -2.16 17.88 15.30
N PHE B 74 -1.46 17.51 14.24
CA PHE B 74 -0.44 18.34 13.61
C PHE B 74 -1.00 18.85 12.30
N LEU B 75 -1.01 20.17 12.13
CA LEU B 75 -1.84 20.80 11.13
C LEU B 75 -1.03 21.68 10.19
N ILE B 76 -1.48 21.76 8.94
CA ILE B 76 -0.86 22.57 7.92
C ILE B 76 -1.53 23.92 7.89
N GLY B 77 -0.74 24.99 7.81
CA GLY B 77 -1.31 26.32 7.94
C GLY B 77 -2.36 26.61 6.90
N ALA B 78 -2.18 26.10 5.68
CA ALA B 78 -3.20 26.29 4.66
C ALA B 78 -4.53 25.72 5.13
N ASN B 79 -4.51 24.54 5.75
CA ASN B 79 -5.71 23.91 6.29
C ASN B 79 -6.20 24.60 7.55
N VAL B 80 -5.28 25.12 8.37
CA VAL B 80 -5.65 25.95 9.51
C VAL B 80 -6.59 27.07 9.06
N LYS B 81 -6.17 27.82 8.05
CA LYS B 81 -6.95 28.97 7.59
C LYS B 81 -8.33 28.57 7.09
N GLU B 82 -8.40 27.57 6.23
CA GLU B 82 -9.68 27.31 5.59
C GLU B 82 -10.61 26.41 6.41
N PHE B 83 -10.10 25.64 7.34
CA PHE B 83 -11.05 24.97 8.23
C PHE B 83 -10.84 25.48 9.64
N PRO B 84 -10.90 26.79 9.87
CA PRO B 84 -10.51 27.29 11.18
C PRO B 84 -11.41 26.79 12.28
N ASP B 85 -12.70 26.56 12.02
CA ASP B 85 -13.61 26.08 13.05
C ASP B 85 -13.32 24.64 13.46
N LEU B 86 -12.64 23.88 12.61
CA LEU B 86 -12.22 22.53 13.01
C LEU B 86 -11.03 22.58 13.96
N VAL B 87 -10.15 23.58 13.80
CA VAL B 87 -9.03 23.74 14.71
C VAL B 87 -9.55 24.03 16.11
N LYS B 88 -10.36 25.09 16.23
CA LYS B 88 -10.92 25.47 17.50
C LYS B 88 -11.64 24.30 18.17
N ARG B 89 -12.23 23.40 17.40
CA ARG B 89 -13.00 22.33 18.01
C ARG B 89 -12.12 21.18 18.45
N GLU B 90 -11.19 20.74 17.59
CA GLU B 90 -10.14 19.80 17.98
C GLU B 90 -9.61 20.17 19.34
N ASN B 91 -9.22 21.44 19.48
CA ASN B 91 -8.81 21.95 20.78
C ASN B 91 -9.96 21.89 21.79
N ALA B 92 -11.13 22.36 21.38
CA ALA B 92 -12.25 22.42 22.30
C ALA B 92 -12.63 21.04 22.83
N GLU B 93 -12.35 19.99 22.07
CA GLU B 93 -12.78 18.67 22.52
C GLU B 93 -11.70 17.93 23.30
N GLY B 94 -10.60 18.58 23.65
CA GLY B 94 -9.59 18.02 24.51
C GLY B 94 -8.31 17.55 23.82
N HIS B 95 -8.28 17.56 22.50
CA HIS B 95 -7.14 17.05 21.80
C HIS B 95 -6.03 18.09 21.75
N TYR B 96 -4.79 17.60 21.56
CA TYR B 96 -3.66 18.50 21.41
C TYR B 96 -3.59 19.00 19.99
N VAL B 97 -3.44 20.30 19.84
CA VAL B 97 -3.25 20.91 18.53
C VAL B 97 -1.83 21.44 18.46
N GLY B 98 -1.05 20.85 17.54
CA GLY B 98 0.31 21.29 17.27
C GLY B 98 0.54 21.48 15.78
N MET B 99 1.74 21.96 15.46
CA MET B 99 2.07 22.43 14.11
C MET B 99 2.73 21.36 13.22
N HIS B 100 2.50 21.49 11.90
CA HIS B 100 3.08 20.63 10.87
C HIS B 100 3.54 21.45 9.67
N SER B 101 3.93 22.70 9.90
CA SER B 101 4.50 23.62 8.90
C SER B 101 3.46 24.29 8.00
N MET B 102 3.91 25.25 7.20
CA MET B 102 3.05 25.90 6.23
C MET B 102 3.08 25.20 4.88
N THR B 103 4.28 24.85 4.39
CA THR B 103 4.43 24.38 3.02
C THR B 103 4.62 22.87 2.86
N HIS B 104 4.84 22.11 3.95
CA HIS B 104 5.06 20.66 3.89
C HIS B 104 5.98 20.29 2.72
N ASN B 105 7.02 21.11 2.53
CA ASN B 105 7.90 21.10 1.37
C ASN B 105 9.32 20.84 1.89
N PHE B 106 9.86 19.65 1.56
CA PHE B 106 11.13 19.22 2.14
C PHE B 106 12.26 20.17 1.78
N ALA B 107 12.32 20.62 0.53
CA ALA B 107 13.37 21.55 0.12
C ALA B 107 13.35 22.83 0.98
N LYS B 108 12.15 23.41 1.18
CA LYS B 108 12.05 24.65 1.96
C LYS B 108 12.28 24.42 3.44
N LEU B 109 11.79 23.30 3.97
CA LEU B 109 11.90 23.05 5.40
C LEU B 109 13.34 22.85 5.85
N TYR B 110 14.09 22.05 5.08
CA TYR B 110 15.38 21.53 5.53
C TYR B 110 16.54 22.04 4.70
N LYS B 111 16.47 21.95 3.35
CA LYS B 111 17.58 22.41 2.53
C LYS B 111 17.66 23.93 2.45
N ASN B 112 16.58 24.63 2.82
CA ASN B 112 16.60 26.06 3.08
C ASN B 112 16.48 26.40 4.56
N GLY B 113 16.13 25.43 5.39
CA GLY B 113 16.16 25.65 6.83
C GLY B 113 15.03 26.51 7.32
N GLU B 114 13.87 26.44 6.65
CA GLU B 114 12.69 27.20 7.03
C GLU B 114 11.85 26.51 8.09
N TYR B 115 12.29 25.33 8.56
CA TYR B 115 11.50 24.58 9.54
C TYR B 115 11.04 25.48 10.69
N VAL B 116 11.98 26.12 11.38
CA VAL B 116 11.64 26.94 12.55
C VAL B 116 10.68 28.06 12.16
N ASN B 117 11.00 28.77 11.09
CA ASN B 117 10.11 29.83 10.62
C ASN B 117 8.71 29.31 10.40
N GLU B 118 8.56 28.38 9.45
CA GLU B 118 7.23 27.90 9.11
C GLU B 118 6.50 27.36 10.33
N MET B 119 7.22 26.79 11.29
CA MET B 119 6.54 26.23 12.45
C MET B 119 6.07 27.32 13.40
N LYS B 120 6.73 28.47 13.39
CA LYS B 120 6.32 29.59 14.24
C LYS B 120 5.12 30.32 13.63
N GLU B 121 5.16 30.56 12.31
CA GLU B 121 4.04 31.15 11.59
C GLU B 121 2.80 30.30 11.71
N ASP B 122 2.94 29.00 11.43
CA ASP B 122 1.87 28.04 11.67
C ASP B 122 1.34 28.12 13.09
N GLN B 123 2.24 28.24 14.08
CA GLN B 123 1.80 28.45 15.45
C GLN B 123 0.97 29.72 15.56
N GLY B 124 1.48 30.83 15.02
CA GLY B 124 0.78 32.10 14.99
C GLY B 124 -0.67 31.98 14.60
N LEU B 125 -0.95 31.39 13.44
CA LEU B 125 -2.34 31.13 13.07
C LEU B 125 -3.08 30.39 14.16
N ILE B 126 -2.52 29.29 14.64
CA ILE B 126 -3.23 28.44 15.57
C ILE B 126 -3.56 29.20 16.85
N ALA B 127 -2.63 30.02 17.33
CA ALA B 127 -2.90 30.82 18.51
C ALA B 127 -4.07 31.74 18.29
N ASN B 128 -4.11 32.40 17.13
CA ASN B 128 -5.19 33.32 16.81
C ASN B 128 -6.55 32.65 16.79
N ILE B 129 -6.59 31.33 16.68
CA ILE B 129 -7.83 30.57 16.80
C ILE B 129 -8.05 30.06 18.21
N ILE B 130 -7.00 29.52 18.86
CA ILE B 130 -7.18 28.82 20.13
C ILE B 130 -6.51 29.52 21.32
N GLY B 131 -5.69 30.54 21.11
CA GLY B 131 -5.25 31.34 22.23
C GLY B 131 -4.08 30.81 23.02
N LYS B 132 -3.57 29.63 22.69
CA LYS B 132 -2.29 29.16 23.21
C LYS B 132 -1.33 28.95 22.07
N SER B 133 -0.05 29.12 22.36
CA SER B 133 1.03 28.84 21.43
C SER B 133 1.54 27.43 21.70
N PRO B 134 1.14 26.45 20.89
CA PRO B 134 1.55 25.08 21.18
C PRO B 134 3.03 24.96 20.88
N LYS B 135 3.69 24.08 21.63
CA LYS B 135 5.13 23.98 21.50
C LYS B 135 5.58 22.86 20.57
N LEU B 136 4.76 21.83 20.34
CA LEU B 136 5.23 20.59 19.71
C LEU B 136 5.02 20.59 18.19
N THR B 137 6.07 20.26 17.46
CA THR B 137 6.07 20.25 16.02
C THR B 137 6.31 18.82 15.53
N ARG B 138 5.70 18.52 14.40
CA ARG B 138 5.84 17.23 13.73
C ARG B 138 6.40 17.50 12.34
N PRO B 139 7.67 17.13 12.09
CA PRO B 139 8.30 17.43 10.79
C PRO B 139 7.64 16.66 9.68
N PRO B 140 7.29 17.33 8.58
CA PRO B 140 6.88 16.60 7.38
C PRO B 140 7.95 15.62 6.93
N TYR B 141 7.50 14.38 6.67
CA TYR B 141 8.35 13.28 6.27
C TYR B 141 9.29 12.84 7.37
N GLY B 142 9.09 13.32 8.59
CA GLY B 142 9.85 12.88 9.73
C GLY B 142 11.21 13.55 9.82
N SER B 143 11.71 13.72 11.05
CA SER B 143 12.98 14.41 11.24
C SER B 143 14.13 13.73 10.51
N MET B 144 14.04 12.41 10.28
CA MET B 144 15.12 11.68 9.58
C MET B 144 14.87 11.71 8.08
N PRO B 145 15.79 12.26 7.28
CA PRO B 145 17.04 12.84 7.75
C PRO B 145 17.09 14.36 7.72
N GLY B 146 15.97 15.03 7.38
CA GLY B 146 16.03 16.46 7.06
C GLY B 146 16.44 17.36 8.22
N LEU B 147 16.10 16.98 9.45
CA LEU B 147 16.31 17.86 10.59
C LEU B 147 17.72 17.63 11.12
N ASN B 148 18.66 18.43 10.61
CA ASN B 148 20.06 18.16 10.90
C ASN B 148 20.46 18.76 12.24
N GLU B 149 21.74 18.53 12.59
CA GLU B 149 22.36 19.13 13.76
C GLU B 149 22.06 20.62 13.87
N GLY B 150 22.15 21.33 12.74
CA GLY B 150 21.97 22.78 12.78
C GLY B 150 20.52 23.20 12.97
N LEU B 151 19.62 22.65 12.15
CA LEU B 151 18.20 22.94 12.36
C LEU B 151 17.80 22.58 13.78
N ARG B 152 18.04 21.32 14.18
CA ARG B 152 17.78 20.89 15.55
C ARG B 152 18.30 21.88 16.59
N ASN B 153 19.41 22.56 16.30
CA ASN B 153 19.84 23.61 17.21
C ASN B 153 18.80 24.71 17.26
N LYS B 154 18.48 25.30 16.10
CA LYS B 154 17.49 26.37 16.07
C LYS B 154 16.18 25.94 16.73
N VAL B 155 15.74 24.70 16.46
CA VAL B 155 14.53 24.16 17.09
C VAL B 155 14.59 24.30 18.60
N VAL B 156 15.68 23.82 19.20
CA VAL B 156 15.81 23.89 20.64
C VAL B 156 15.89 25.33 21.09
N GLU B 157 16.57 26.16 20.29
CA GLU B 157 16.70 27.58 20.58
C GLU B 157 15.34 28.28 20.56
N GLY B 158 14.47 27.92 19.61
CA GLY B 158 13.19 28.62 19.47
C GLY B 158 12.13 28.25 20.49
N GLY B 159 12.40 27.27 21.33
CA GLY B 159 11.44 26.81 22.32
C GLY B 159 10.62 25.62 21.90
N PHE B 160 10.71 25.20 20.64
CA PHE B 160 9.83 24.17 20.14
C PHE B 160 10.30 22.79 20.58
N LYS B 161 9.37 21.84 20.55
CA LYS B 161 9.66 20.42 20.64
C LYS B 161 9.34 19.76 19.32
N VAL B 162 9.88 18.56 19.13
CA VAL B 162 9.77 17.85 17.85
C VAL B 162 9.40 16.40 18.14
N TRP B 163 8.33 15.92 17.50
CA TRP B 163 7.94 14.52 17.57
C TRP B 163 7.91 13.83 16.22
N ASP B 164 8.35 12.59 16.25
CA ASP B 164 8.13 11.62 15.19
C ASP B 164 7.11 10.61 15.69
N TRP B 165 7.34 9.30 15.56
CA TRP B 165 6.39 8.28 15.92
C TRP B 165 7.09 6.94 16.13
N THR B 166 6.39 6.03 16.80
CA THR B 166 6.90 4.69 16.95
C THR B 166 6.18 3.69 16.05
N ILE B 167 5.00 4.06 15.52
CA ILE B 167 4.24 3.28 14.57
C ILE B 167 3.85 4.18 13.40
N ASP B 168 4.09 3.70 12.18
CA ASP B 168 3.62 4.32 10.93
C ASP B 168 2.50 3.42 10.42
N SER B 169 1.24 3.90 10.59
CA SER B 169 0.06 3.19 10.12
C SER B 169 0.12 2.96 8.63
N LEU B 170 0.84 3.83 7.90
CA LEU B 170 0.93 3.78 6.45
C LEU B 170 -0.40 4.04 5.77
N ASP B 171 -1.39 4.54 6.54
CA ASP B 171 -2.74 4.72 6.00
C ASP B 171 -2.72 5.37 4.62
N TRP B 172 -1.92 6.41 4.45
CA TRP B 172 -2.03 7.23 3.26
C TRP B 172 -1.69 6.48 1.99
N ARG B 173 -1.17 5.26 2.09
CA ARG B 173 -0.79 4.50 0.91
C ARG B 173 -1.90 3.61 0.39
N TYR B 174 -2.99 3.45 1.15
CA TYR B 174 -4.06 2.56 0.76
C TYR B 174 -5.14 3.24 -0.08
N ASN B 175 -4.74 4.22 -0.89
CA ASN B 175 -5.53 5.08 -1.76
C ASN B 175 -6.14 4.37 -2.97
N LYS B 176 -6.01 3.06 -3.15
CA LYS B 176 -6.34 2.50 -4.47
C LYS B 176 -7.01 1.16 -4.35
N MET B 177 -7.83 1.03 -3.32
CA MET B 177 -8.61 -0.17 -3.06
C MET B 177 -9.87 0.24 -2.30
N PRO B 178 -10.88 -0.67 -2.18
CA PRO B 178 -12.04 -0.39 -1.33
C PRO B 178 -11.64 0.25 -0.01
N VAL B 179 -12.47 1.14 0.54
CA VAL B 179 -12.08 1.87 1.74
C VAL B 179 -12.24 1.01 2.98
N ASP B 180 -13.37 0.31 3.07
CA ASP B 180 -13.58 -0.63 4.18
C ASP B 180 -12.45 -1.65 4.29
N ALA B 181 -11.85 -2.02 3.17
CA ALA B 181 -10.77 -3.01 3.17
C ALA B 181 -9.43 -2.36 3.50
N ALA B 182 -9.22 -1.13 2.99
CA ALA B 182 -8.03 -0.37 3.34
C ALA B 182 -7.98 -0.14 4.83
N ALA B 183 -9.09 0.31 5.41
CA ALA B 183 -9.15 0.52 6.84
C ALA B 183 -8.71 -0.73 7.59
N ALA B 184 -9.26 -1.90 7.22
CA ALA B 184 -8.95 -3.12 7.95
C ALA B 184 -7.44 -3.38 7.98
N GLN B 185 -6.77 -3.25 6.84
CA GLN B 185 -5.33 -3.46 6.82
C GLN B 185 -4.63 -2.39 7.66
N ILE B 186 -4.99 -1.12 7.45
CA ILE B 186 -4.47 -0.05 8.31
C ILE B 186 -4.68 -0.41 9.79
N ALA B 187 -5.80 -1.03 10.12
CA ALA B 187 -6.04 -1.38 11.51
C ALA B 187 -5.09 -2.48 11.98
N GLN B 188 -4.97 -3.55 11.18
CA GLN B 188 -4.07 -4.63 11.58
C GLN B 188 -2.64 -4.14 11.62
N ASN B 189 -2.29 -3.20 10.74
CA ASN B 189 -0.97 -2.60 10.78
C ASN B 189 -0.70 -1.98 12.13
N VAL B 190 -1.66 -1.24 12.65
CA VAL B 190 -1.44 -0.56 13.91
C VAL B 190 -1.61 -1.52 15.09
N LEU B 191 -2.63 -2.39 15.03
CA LEU B 191 -2.86 -3.31 16.13
C LEU B 191 -1.67 -4.24 16.36
N THR B 192 -1.01 -4.69 15.30
CA THR B 192 0.06 -5.67 15.45
C THR B 192 1.43 -5.06 15.75
N ASN B 193 1.50 -3.75 16.00
CA ASN B 193 2.74 -3.08 16.40
C ASN B 193 2.64 -2.34 17.73
N ALA B 194 1.50 -2.41 18.41
CA ALA B 194 1.38 -1.87 19.76
C ALA B 194 1.98 -2.90 20.69
N THR B 195 3.18 -2.61 21.15
CA THR B 195 3.93 -3.53 22.00
C THR B 195 4.55 -2.75 23.15
N LYS B 196 5.21 -1.63 22.85
CA LYS B 196 5.85 -0.82 23.88
C LYS B 196 4.80 -0.18 24.79
N PRO B 197 5.17 0.08 26.06
CA PRO B 197 4.23 0.73 26.99
C PRO B 197 3.64 2.02 26.45
N GLN B 198 4.43 2.87 25.81
CA GLN B 198 3.94 3.98 25.02
C GLN B 198 4.18 3.68 23.55
N GLU B 199 3.19 4.03 22.71
CA GLU B 199 3.35 4.02 21.26
C GLU B 199 2.70 5.29 20.72
N VAL B 200 3.35 5.87 19.71
CA VAL B 200 2.91 7.08 19.04
C VAL B 200 2.52 6.71 17.61
N ILE B 201 1.23 6.79 17.32
CA ILE B 201 0.70 6.25 16.08
C ILE B 201 0.51 7.37 15.07
N LEU B 202 1.05 7.17 13.88
CA LEU B 202 1.04 8.16 12.81
C LEU B 202 -0.14 7.85 11.93
N MET B 203 -0.98 8.86 11.68
CA MET B 203 -2.13 8.73 10.80
C MET B 203 -2.36 10.09 10.15
N HIS B 204 -3.30 10.10 9.19
CA HIS B 204 -3.64 11.32 8.47
C HIS B 204 -5.15 11.50 8.50
N ASP B 205 -5.62 12.58 9.11
CA ASP B 205 -7.07 12.80 9.14
C ASP B 205 -7.59 13.34 7.82
N ILE B 206 -6.79 13.35 6.76
CA ILE B 206 -7.24 13.93 5.50
C ILE B 206 -7.47 12.88 4.42
N HIS B 207 -7.52 11.59 4.80
CA HIS B 207 -7.84 10.49 3.88
C HIS B 207 -9.00 9.67 4.43
N PRO B 208 -9.95 9.29 3.58
CA PRO B 208 -11.10 8.53 4.10
C PRO B 208 -10.70 7.22 4.73
N GLN B 209 -9.86 6.43 4.06
CA GLN B 209 -9.50 5.11 4.57
C GLN B 209 -8.92 5.21 5.98
N SER B 210 -8.31 6.36 6.31
CA SER B 210 -7.70 6.51 7.62
C SER B 210 -8.77 6.57 8.71
N VAL B 211 -9.74 7.46 8.55
CA VAL B 211 -10.75 7.63 9.58
C VAL B 211 -11.57 6.34 9.73
N ALA B 212 -11.67 5.54 8.66
CA ALA B 212 -12.43 4.30 8.78
C ALA B 212 -11.69 3.28 9.64
N ALA B 213 -10.36 3.37 9.71
CA ALA B 213 -9.60 2.47 10.57
C ALA B 213 -9.70 2.86 12.03
N VAL B 214 -9.93 4.14 12.30
CA VAL B 214 -9.96 4.63 13.68
C VAL B 214 -10.91 3.83 14.56
N PRO B 215 -12.15 3.54 14.15
CA PRO B 215 -13.01 2.67 14.96
C PRO B 215 -12.35 1.35 15.34
N ALA B 216 -12.03 0.53 14.32
CA ALA B 216 -11.43 -0.77 14.60
C ALA B 216 -10.20 -0.65 15.49
N ILE B 217 -9.41 0.43 15.31
CA ILE B 217 -8.17 0.59 16.08
C ILE B 217 -8.47 0.86 17.54
N LEU B 218 -9.40 1.78 17.83
CA LEU B 218 -9.77 2.05 19.21
C LEU B 218 -10.25 0.78 19.91
N LYS B 219 -11.07 0.00 19.21
CA LYS B 219 -11.52 -1.29 19.73
C LYS B 219 -10.35 -2.18 20.11
N GLY B 220 -9.41 -2.37 19.18
CA GLY B 220 -8.37 -3.37 19.38
C GLY B 220 -7.36 -2.98 20.42
N LEU B 221 -6.88 -1.72 20.37
CA LEU B 221 -5.91 -1.27 21.36
C LEU B 221 -6.51 -1.26 22.76
N LYS B 222 -7.78 -0.85 22.89
CA LYS B 222 -8.38 -0.82 24.20
C LYS B 222 -8.31 -2.20 24.87
N GLU B 223 -8.75 -3.25 24.17
CA GLU B 223 -8.61 -4.57 24.76
C GLU B 223 -7.18 -5.07 24.78
N LYS B 224 -6.25 -4.41 24.07
CA LYS B 224 -4.83 -4.64 24.29
C LYS B 224 -4.27 -3.80 25.44
N GLY B 225 -5.14 -3.09 26.17
CA GLY B 225 -4.76 -2.46 27.42
C GLY B 225 -4.34 -1.01 27.35
N TYR B 226 -4.67 -0.29 26.29
CA TYR B 226 -4.19 1.07 26.13
C TYR B 226 -5.25 2.09 26.53
N GLU B 227 -4.77 3.28 26.88
CA GLU B 227 -5.60 4.46 27.03
C GLU B 227 -5.16 5.47 25.99
N PHE B 228 -6.11 6.28 25.53
CA PHE B 228 -5.90 7.17 24.39
C PHE B 228 -5.80 8.59 24.94
N GLU B 229 -4.57 9.07 25.01
CA GLU B 229 -4.34 10.41 25.52
C GLU B 229 -3.81 11.31 24.43
N ALA B 230 -4.01 12.60 24.67
CA ALA B 230 -3.31 13.58 23.86
C ALA B 230 -1.94 13.84 24.47
N TYR B 231 -1.06 14.38 23.66
CA TYR B 231 0.21 14.87 24.17
C TYR B 231 -0.05 16.01 25.13
N HIS B 232 0.61 15.99 26.28
CA HIS B 232 0.55 17.10 27.23
C HIS B 232 1.96 17.63 27.41
N GLU B 233 2.17 18.90 27.07
CA GLU B 233 3.47 19.53 27.28
C GLU B 233 3.84 19.55 28.75
N GLU B 234 2.86 19.44 29.63
CA GLU B 234 3.13 19.26 31.05
C GLU B 234 3.95 18.01 31.31
N SER B 235 3.89 17.02 30.41
CA SER B 235 4.49 15.71 30.64
C SER B 235 5.43 15.30 29.50
N HIS B 236 6.13 16.27 28.90
CA HIS B 236 6.83 15.99 27.65
C HIS B 236 7.98 15.00 27.86
N PHE B 237 8.22 14.20 26.84
CA PHE B 237 9.35 13.29 26.74
C PHE B 237 9.72 13.15 25.27
N PRO B 238 10.99 12.85 24.96
CA PRO B 238 11.43 12.91 23.57
C PRO B 238 10.95 11.69 22.79
N VAL B 239 10.62 11.91 21.53
CA VAL B 239 10.34 10.82 20.60
C VAL B 239 10.82 11.25 19.22
N ASN B 240 12.05 10.91 18.90
CA ASN B 240 12.50 11.19 17.54
C ASN B 240 13.56 10.19 17.13
N PHE B 241 13.90 10.27 15.84
CA PHE B 241 14.83 9.35 15.23
C PHE B 241 16.27 9.73 15.53
N TRP B 242 16.52 11.00 15.82
CA TRP B 242 17.87 11.45 16.13
C TRP B 242 18.27 11.12 17.56
N HIS B 243 17.34 10.57 18.35
CA HIS B 243 17.60 10.23 19.74
C HIS B 243 18.07 11.45 20.53
N ASP B 244 17.61 12.62 20.09
CA ASP B 244 18.00 13.90 20.66
C ASP B 244 16.99 14.28 21.74
N ASN B 245 17.34 14.06 22.99
CA ASN B 245 16.43 14.31 24.10
C ASN B 245 16.45 15.74 24.56
N ARG B 246 17.05 16.64 23.80
CA ARG B 246 16.80 18.05 24.05
C ARG B 246 15.40 18.49 23.61
N MET B 247 14.71 17.67 22.82
CA MET B 247 13.43 18.02 22.21
C MET B 247 12.43 16.86 22.37
N LYS C 43 16.89 -21.04 27.33
CA LYS C 43 16.52 -19.63 27.26
C LYS C 43 17.73 -18.72 27.22
N VAL C 44 17.79 -17.84 26.23
CA VAL C 44 19.02 -17.14 25.87
C VAL C 44 18.75 -15.65 25.73
N ALA C 45 19.70 -14.83 26.18
CA ALA C 45 19.60 -13.38 26.07
C ALA C 45 20.86 -12.81 25.44
N TYR C 46 20.70 -11.91 24.45
CA TYR C 46 21.83 -11.40 23.67
C TYR C 46 21.95 -9.89 23.88
N LEU C 47 22.97 -9.47 24.63
CA LEU C 47 23.25 -8.06 24.83
C LEU C 47 24.00 -7.49 23.63
N THR C 48 23.54 -6.34 23.13
CA THR C 48 24.17 -5.70 21.99
C THR C 48 24.46 -4.24 22.31
N PHE C 49 25.60 -3.77 21.80
CA PHE C 49 26.18 -2.46 22.14
C PHE C 49 26.56 -1.70 20.88
N ASP C 50 25.79 -0.67 20.55
CA ASP C 50 25.98 0.11 19.32
C ASP C 50 26.83 1.35 19.54
N ASP C 51 27.38 1.86 18.44
CA ASP C 51 28.03 3.17 18.27
C ASP C 51 29.41 3.27 18.90
N GLY C 52 30.02 2.15 19.34
CA GLY C 52 31.34 2.18 19.95
C GLY C 52 32.49 1.70 19.07
N PRO C 53 33.66 1.43 19.68
CA PRO C 53 34.02 1.57 21.10
C PRO C 53 34.23 3.03 21.51
N GLY C 54 34.16 3.30 22.81
CA GLY C 54 34.25 4.64 23.34
C GLY C 54 34.79 4.64 24.75
N LYS C 55 34.66 5.74 25.49
CA LYS C 55 35.48 5.90 26.68
C LYS C 55 35.02 4.98 27.82
N TYR C 56 33.75 4.60 27.85
CA TYR C 56 33.29 3.70 28.90
C TYR C 56 33.36 2.24 28.50
N THR C 57 33.74 1.95 27.24
CA THR C 57 33.79 0.56 26.77
C THR C 57 34.71 -0.28 27.64
N ALA C 58 35.88 0.24 27.98
CA ALA C 58 36.76 -0.42 28.94
C ALA C 58 36.01 -0.79 30.22
N GLU C 59 35.42 0.22 30.90
CA GLU C 59 34.73 -0.04 32.15
C GLU C 59 33.66 -1.12 31.99
N LEU C 60 32.97 -1.10 30.84
CA LEU C 60 31.92 -2.06 30.55
C LEU C 60 32.47 -3.47 30.33
N LEU C 61 33.53 -3.59 29.54
CA LEU C 61 34.12 -4.90 29.32
C LEU C 61 34.45 -5.61 30.63
N ASN C 62 34.86 -4.85 31.67
CA ASN C 62 35.19 -5.49 32.94
C ASN C 62 33.96 -6.06 33.62
N THR C 63 32.89 -5.26 33.70
CA THR C 63 31.66 -5.72 34.35
C THR C 63 31.12 -6.99 33.68
N LEU C 64 31.29 -7.11 32.36
CA LEU C 64 30.93 -8.33 31.67
C LEU C 64 31.87 -9.48 32.05
N LYS C 65 33.18 -9.23 32.04
CA LYS C 65 34.15 -10.21 32.52
C LYS C 65 33.74 -10.77 33.87
N GLN C 66 33.37 -9.88 34.79
CA GLN C 66 33.15 -10.30 36.17
C GLN C 66 31.89 -11.16 36.30
N HIS C 67 30.94 -11.02 35.40
CA HIS C 67 29.73 -11.83 35.44
C HIS C 67 29.78 -12.98 34.44
N ASP C 68 30.96 -13.29 33.93
CA ASP C 68 31.14 -14.35 32.94
C ASP C 68 30.07 -14.22 31.86
N ALA C 69 30.01 -13.04 31.26
CA ALA C 69 28.93 -12.65 30.37
C ALA C 69 29.51 -12.28 29.01
N LYS C 70 29.02 -12.93 27.95
CA LYS C 70 29.44 -12.64 26.59
C LYS C 70 28.35 -11.81 25.90
N ALA C 71 28.77 -10.73 25.26
CA ALA C 71 27.85 -9.80 24.62
C ALA C 71 28.27 -9.60 23.17
N THR C 72 27.72 -8.57 22.54
CA THR C 72 27.93 -8.35 21.12
C THR C 72 28.08 -6.85 20.88
N PHE C 73 29.02 -6.48 20.01
CA PHE C 73 29.40 -5.09 19.79
C PHE C 73 29.39 -4.74 18.32
N PHE C 74 28.60 -3.74 17.93
CA PHE C 74 28.56 -3.26 16.56
C PHE C 74 29.26 -1.91 16.47
N LEU C 75 30.39 -1.89 15.75
CA LEU C 75 31.34 -0.82 15.90
C LEU C 75 31.39 0.08 14.66
N ILE C 76 31.72 1.33 14.92
CA ILE C 76 31.87 2.35 13.89
C ILE C 76 33.33 2.39 13.47
N GLY C 77 33.55 2.50 12.15
CA GLY C 77 34.90 2.41 11.62
C GLY C 77 35.86 3.40 12.26
N ALA C 78 35.43 4.65 12.44
CA ALA C 78 36.32 5.65 13.01
C ALA C 78 36.65 5.34 14.46
N ASN C 79 35.68 4.79 15.21
CA ASN C 79 35.97 4.28 16.54
C ASN C 79 36.83 3.03 16.50
N VAL C 80 36.74 2.26 15.43
CA VAL C 80 37.64 1.13 15.27
C VAL C 80 39.06 1.64 14.97
N LYS C 81 39.17 2.68 14.14
CA LYS C 81 40.49 3.26 13.86
C LYS C 81 41.13 3.84 15.11
N GLU C 82 40.34 4.38 16.01
CA GLU C 82 40.89 5.11 17.14
C GLU C 82 41.11 4.24 18.36
N PHE C 83 40.31 3.19 18.51
CA PHE C 83 40.36 2.32 19.68
C PHE C 83 40.66 0.87 19.28
N PRO C 84 41.75 0.65 18.55
CA PRO C 84 42.03 -0.72 18.12
C PRO C 84 42.32 -1.64 19.29
N ASP C 85 42.92 -1.11 20.37
CA ASP C 85 43.11 -1.89 21.59
C ASP C 85 41.78 -2.46 22.09
N LEU C 86 40.78 -1.62 22.27
CA LEU C 86 39.49 -2.10 22.77
C LEU C 86 38.92 -3.17 21.85
N VAL C 87 39.08 -3.01 20.54
CA VAL C 87 38.55 -3.99 19.59
C VAL C 87 39.21 -5.35 19.83
N LYS C 88 40.55 -5.36 19.94
CA LYS C 88 41.25 -6.62 20.16
C LYS C 88 40.74 -7.30 21.42
N ARG C 89 40.48 -6.51 22.47
CA ARG C 89 40.06 -7.07 23.74
C ARG C 89 38.64 -7.59 23.68
N GLU C 90 37.75 -6.84 23.03
CA GLU C 90 36.37 -7.28 22.84
C GLU C 90 36.35 -8.69 22.28
N ASN C 91 37.07 -8.92 21.18
CA ASN C 91 37.09 -10.27 20.61
C ASN C 91 37.82 -11.23 21.51
N ALA C 92 38.96 -10.78 22.07
CA ALA C 92 39.73 -11.56 23.03
C ALA C 92 38.87 -12.12 24.17
N GLU C 93 37.86 -11.39 24.63
CA GLU C 93 37.14 -11.83 25.82
C GLU C 93 35.86 -12.59 25.48
N GLY C 94 35.77 -13.16 24.28
CA GLY C 94 34.67 -14.02 23.90
C GLY C 94 33.47 -13.30 23.34
N HIS C 95 33.50 -11.99 23.33
CA HIS C 95 32.38 -11.26 22.79
C HIS C 95 32.43 -11.29 21.27
N TYR C 96 31.25 -11.22 20.66
CA TYR C 96 31.18 -11.09 19.21
C TYR C 96 31.48 -9.65 18.83
N VAL C 97 32.28 -9.46 17.80
CA VAL C 97 32.55 -8.14 17.27
C VAL C 97 31.93 -8.05 15.88
N GLY C 98 30.95 -7.14 15.76
CA GLY C 98 30.24 -6.89 14.52
C GLY C 98 30.27 -5.43 14.11
N MET C 99 29.36 -5.08 13.22
CA MET C 99 29.55 -3.93 12.36
C MET C 99 28.36 -3.00 12.43
N HIS C 100 28.64 -1.70 12.36
CA HIS C 100 27.63 -0.66 12.50
C HIS C 100 27.94 0.47 11.54
N SER C 101 28.60 0.14 10.42
CA SER C 101 28.93 1.02 9.31
C SER C 101 30.10 1.96 9.59
N MET C 102 30.33 2.88 8.65
CA MET C 102 31.43 3.83 8.67
C MET C 102 31.02 5.24 9.04
N THR C 103 29.81 5.65 8.64
CA THR C 103 29.38 7.03 8.83
C THR C 103 28.21 7.18 9.78
N HIS C 104 27.46 6.11 10.08
CA HIS C 104 26.21 6.21 10.84
C HIS C 104 25.40 7.37 10.26
N ASN C 105 25.46 7.55 8.94
CA ASN C 105 24.83 8.66 8.23
C ASN C 105 23.66 8.15 7.39
N PHE C 106 22.44 8.65 7.67
CA PHE C 106 21.24 8.03 7.15
C PHE C 106 21.10 8.20 5.64
N ALA C 107 21.32 9.44 5.16
CA ALA C 107 21.31 9.71 3.73
C ALA C 107 22.25 8.76 2.97
N LYS C 108 23.52 8.72 3.38
CA LYS C 108 24.53 7.94 2.67
C LYS C 108 24.18 6.45 2.68
N LEU C 109 23.87 5.91 3.86
CA LEU C 109 23.60 4.49 3.94
C LEU C 109 22.44 4.10 3.04
N TYR C 110 21.29 4.75 3.19
CA TYR C 110 20.05 4.24 2.62
C TYR C 110 19.60 4.99 1.39
N LYS C 111 19.54 6.32 1.44
CA LYS C 111 19.13 7.10 0.28
C LYS C 111 20.21 7.12 -0.81
N ASN C 112 21.46 6.80 -0.48
CA ASN C 112 22.51 6.67 -1.49
C ASN C 112 23.02 5.25 -1.64
N GLY C 113 22.48 4.28 -0.89
CA GLY C 113 22.83 2.89 -1.06
C GLY C 113 24.28 2.57 -0.81
N GLU C 114 24.93 3.35 0.05
CA GLU C 114 26.31 3.08 0.41
C GLU C 114 26.43 2.02 1.48
N TYR C 115 25.31 1.58 2.07
CA TYR C 115 25.30 0.66 3.19
C TYR C 115 26.32 -0.47 3.03
N VAL C 116 26.05 -1.34 2.06
CA VAL C 116 26.88 -2.53 1.93
C VAL C 116 28.34 -2.14 1.71
N ASN C 117 28.58 -1.04 1.00
CA ASN C 117 29.93 -0.51 0.89
C ASN C 117 30.51 -0.15 2.25
N GLU C 118 29.82 0.69 3.01
CA GLU C 118 30.37 1.09 4.30
C GLU C 118 30.52 -0.11 5.22
N MET C 119 29.50 -0.97 5.26
CA MET C 119 29.57 -2.15 6.12
C MET C 119 30.79 -3.00 5.78
N LYS C 120 31.14 -3.11 4.49
CA LYS C 120 32.23 -3.99 4.07
C LYS C 120 33.60 -3.38 4.43
N GLU C 121 33.82 -2.12 4.06
CA GLU C 121 35.05 -1.43 4.45
C GLU C 121 35.25 -1.47 5.96
N ASP C 122 34.16 -1.32 6.71
CA ASP C 122 34.23 -1.52 8.15
C ASP C 122 34.80 -2.90 8.48
N GLN C 123 34.42 -3.91 7.71
CA GLN C 123 34.87 -5.27 7.97
C GLN C 123 36.38 -5.40 7.78
N GLY C 124 36.90 -4.78 6.72
CA GLY C 124 38.32 -4.68 6.51
C GLY C 124 38.99 -4.17 7.76
N LEU C 125 38.57 -3.00 8.21
CA LEU C 125 39.13 -2.43 9.43
C LEU C 125 39.13 -3.44 10.57
N ILE C 126 38.01 -4.15 10.77
CA ILE C 126 37.97 -5.09 11.87
C ILE C 126 38.86 -6.31 11.61
N ALA C 127 38.87 -6.81 10.37
CA ALA C 127 39.68 -7.99 10.06
C ALA C 127 41.17 -7.73 10.26
N ASN C 128 41.61 -6.48 10.11
CA ASN C 128 43.00 -6.12 10.33
C ASN C 128 43.39 -6.17 11.79
N ILE C 129 42.44 -6.40 12.70
CA ILE C 129 42.70 -6.37 14.13
C ILE C 129 42.44 -7.70 14.79
N ILE C 130 41.37 -8.39 14.42
CA ILE C 130 41.08 -9.70 14.98
C ILE C 130 41.31 -10.85 14.00
N GLY C 131 41.59 -10.57 12.74
CA GLY C 131 41.95 -11.63 11.81
C GLY C 131 40.85 -12.55 11.35
N LYS C 132 39.59 -12.25 11.67
CA LYS C 132 38.44 -12.85 11.00
C LYS C 132 37.58 -11.74 10.41
N SER C 133 36.80 -12.08 9.38
CA SER C 133 35.92 -11.08 8.77
C SER C 133 34.47 -11.33 9.18
N PRO C 134 33.90 -10.49 10.04
CA PRO C 134 32.53 -10.74 10.53
C PRO C 134 31.46 -10.53 9.48
N LYS C 135 30.39 -11.30 9.62
CA LYS C 135 29.26 -11.22 8.70
C LYS C 135 28.09 -10.38 9.22
N LEU C 136 28.00 -10.14 10.53
CA LEU C 136 26.78 -9.59 11.11
C LEU C 136 26.86 -8.06 11.19
N THR C 137 25.91 -7.39 10.55
CA THR C 137 25.74 -5.94 10.59
C THR C 137 24.46 -5.56 11.33
N ARG C 138 24.54 -4.43 12.03
CA ARG C 138 23.43 -3.82 12.73
C ARG C 138 23.21 -2.44 12.11
N PRO C 139 22.07 -2.22 11.47
CA PRO C 139 21.88 -0.98 10.70
C PRO C 139 21.73 0.21 11.62
N PRO C 140 22.46 1.29 11.36
CA PRO C 140 22.18 2.54 12.09
C PRO C 140 20.74 2.97 11.86
N TYR C 141 20.08 3.32 12.96
CA TYR C 141 18.67 3.63 12.97
C TYR C 141 17.78 2.44 12.58
N GLY C 142 18.34 1.24 12.47
CA GLY C 142 17.57 0.06 12.15
C GLY C 142 17.17 -0.13 10.68
N SER C 143 16.96 -1.39 10.27
CA SER C 143 16.67 -1.71 8.87
C SER C 143 15.36 -1.10 8.37
N MET C 144 14.40 -0.83 9.27
CA MET C 144 13.14 -0.25 8.85
C MET C 144 13.24 1.26 8.87
N PRO C 145 12.85 1.94 7.78
CA PRO C 145 12.62 1.26 6.50
C PRO C 145 13.82 1.45 5.57
N GLY C 146 14.95 1.92 6.12
CA GLY C 146 16.06 2.39 5.29
C GLY C 146 16.62 1.31 4.39
N LEU C 147 16.44 0.06 4.78
CA LEU C 147 17.01 -1.08 4.10
C LEU C 147 15.93 -1.60 3.17
N ASN C 148 15.90 -1.09 1.94
CA ASN C 148 14.82 -1.44 1.03
C ASN C 148 15.09 -2.80 0.39
N GLU C 149 14.08 -3.30 -0.32
CA GLU C 149 14.21 -4.60 -0.98
C GLU C 149 15.48 -4.67 -1.82
N GLY C 150 15.89 -3.55 -2.41
CA GLY C 150 17.08 -3.53 -3.22
C GLY C 150 18.31 -3.72 -2.38
N LEU C 151 18.56 -2.80 -1.44
CA LEU C 151 19.68 -2.96 -0.52
C LEU C 151 19.66 -4.34 0.13
N ARG C 152 18.48 -4.82 0.51
CA ARG C 152 18.43 -6.13 1.17
C ARG C 152 18.93 -7.24 0.26
N ASN C 153 18.78 -7.09 -1.07
CA ASN C 153 19.46 -7.97 -2.01
C ASN C 153 20.97 -7.89 -1.83
N LYS C 154 21.53 -6.70 -2.03
CA LYS C 154 22.97 -6.50 -1.99
C LYS C 154 23.60 -7.07 -0.71
N VAL C 155 22.95 -6.86 0.44
CA VAL C 155 23.44 -7.44 1.70
C VAL C 155 23.48 -8.95 1.59
N VAL C 156 22.35 -9.58 1.29
CA VAL C 156 22.33 -11.02 1.11
C VAL C 156 23.43 -11.47 0.14
N GLU C 157 23.53 -10.79 -1.02
CA GLU C 157 24.53 -11.13 -2.01
C GLU C 157 25.95 -10.90 -1.50
N GLY C 158 26.18 -9.82 -0.76
CA GLY C 158 27.48 -9.56 -0.16
C GLY C 158 27.87 -10.50 0.96
N GLY C 159 26.99 -11.41 1.38
CA GLY C 159 27.32 -12.38 2.40
C GLY C 159 26.98 -12.00 3.83
N PHE C 160 26.28 -10.88 4.07
CA PHE C 160 26.05 -10.37 5.41
C PHE C 160 24.67 -10.76 5.93
N LYS C 161 24.60 -10.95 7.25
CA LYS C 161 23.32 -10.93 7.94
C LYS C 161 23.05 -9.54 8.48
N VAL C 162 21.82 -9.32 8.93
CA VAL C 162 21.43 -8.07 9.55
C VAL C 162 20.72 -8.38 10.84
N TRP C 163 21.09 -7.68 11.91
CA TRP C 163 20.35 -7.81 13.15
C TRP C 163 19.79 -6.48 13.61
N ASP C 164 18.54 -6.51 14.05
CA ASP C 164 17.94 -5.40 14.78
C ASP C 164 17.93 -5.73 16.26
N TRP C 165 16.83 -5.44 16.95
CA TRP C 165 16.68 -5.79 18.35
C TRP C 165 15.21 -6.08 18.64
N THR C 166 14.94 -6.56 19.85
CA THR C 166 13.60 -6.68 20.39
C THR C 166 13.33 -5.71 21.51
N ILE C 167 14.38 -5.21 22.17
CA ILE C 167 14.25 -4.37 23.36
C ILE C 167 15.12 -3.14 23.16
N ASP C 168 14.52 -1.96 23.22
CA ASP C 168 15.25 -0.70 23.16
C ASP C 168 15.41 -0.16 24.58
N SER C 169 16.63 -0.27 25.12
CA SER C 169 16.92 0.25 26.44
C SER C 169 16.53 1.71 26.59
N LEU C 170 16.41 2.45 25.49
CA LEU C 170 16.03 3.85 25.49
C LEU C 170 17.05 4.72 26.24
N ASP C 171 18.29 4.23 26.38
CA ASP C 171 19.32 4.95 27.12
C ASP C 171 19.45 6.40 26.66
N TRP C 172 19.17 6.66 25.37
CA TRP C 172 19.44 7.97 24.80
C TRP C 172 18.54 9.06 25.35
N ARG C 173 17.42 8.68 25.99
CA ARG C 173 16.55 9.66 26.64
C ARG C 173 17.21 10.27 27.86
N TYR C 174 17.93 9.47 28.63
CA TYR C 174 18.47 9.89 29.92
C TYR C 174 19.89 10.43 29.81
N ASN C 175 20.27 10.87 28.61
CA ASN C 175 21.60 11.40 28.33
C ASN C 175 21.85 12.71 29.06
N LYS C 176 23.13 12.95 29.33
CA LYS C 176 23.58 14.12 30.08
C LYS C 176 22.68 14.33 31.31
N MET C 177 22.43 13.24 32.02
CA MET C 177 21.61 13.20 33.22
C MET C 177 22.32 12.39 34.28
N PRO C 178 22.01 12.62 35.59
CA PRO C 178 22.64 11.87 36.69
C PRO C 178 22.73 10.38 36.47
N VAL C 179 23.94 9.83 36.53
CA VAL C 179 24.23 8.55 35.88
C VAL C 179 23.34 7.45 36.47
N ASP C 180 23.24 7.40 37.80
CA ASP C 180 22.50 6.30 38.42
C ASP C 180 20.99 6.52 38.40
N ALA C 181 20.55 7.77 38.54
CA ALA C 181 19.14 8.06 38.31
C ALA C 181 18.70 7.58 36.94
N ALA C 182 19.45 7.96 35.91
CA ALA C 182 19.19 7.51 34.55
C ALA C 182 19.27 5.99 34.43
N ALA C 183 20.26 5.37 35.09
CA ALA C 183 20.56 3.96 34.84
C ALA C 183 19.48 3.05 35.39
N ALA C 184 19.09 3.26 36.66
CA ALA C 184 18.03 2.45 37.27
C ALA C 184 16.79 2.43 36.39
N GLN C 185 16.51 3.55 35.73
CA GLN C 185 15.41 3.59 34.78
C GLN C 185 15.73 2.80 33.52
N ILE C 186 16.95 2.94 33.00
CA ILE C 186 17.33 2.17 31.83
C ILE C 186 17.20 0.69 32.10
N ALA C 187 17.68 0.24 33.26
CA ALA C 187 17.47 -1.14 33.67
C ALA C 187 15.99 -1.48 33.74
N GLN C 188 15.20 -0.61 34.39
CA GLN C 188 13.77 -0.88 34.55
C GLN C 188 13.07 -1.05 33.21
N ASN C 189 13.41 -0.21 32.22
CA ASN C 189 12.93 -0.42 30.87
C ASN C 189 13.19 -1.87 30.42
N VAL C 190 14.45 -2.29 30.53
CA VAL C 190 14.88 -3.54 29.90
C VAL C 190 14.22 -4.74 30.56
N LEU C 191 14.35 -4.86 31.88
CA LEU C 191 13.77 -6.00 32.59
C LEU C 191 12.31 -6.21 32.23
N THR C 192 11.54 -5.12 32.19
CA THR C 192 10.10 -5.29 32.06
C THR C 192 9.66 -5.60 30.64
N ASN C 193 10.54 -5.52 29.64
CA ASN C 193 10.23 -5.98 28.30
C ASN C 193 10.93 -7.30 27.97
N ALA C 194 11.55 -7.94 28.96
CA ALA C 194 12.12 -9.28 28.81
C ALA C 194 11.03 -10.30 29.10
N THR C 195 10.59 -11.00 28.06
CA THR C 195 9.46 -11.92 28.16
C THR C 195 9.61 -13.09 27.19
N LYS C 196 10.16 -12.83 26.01
CA LYS C 196 10.26 -13.83 24.96
C LYS C 196 11.49 -14.72 25.19
N PRO C 197 11.42 -16.01 24.80
CA PRO C 197 12.53 -16.95 25.07
C PRO C 197 13.91 -16.47 24.64
N GLN C 198 14.03 -15.90 23.46
CA GLN C 198 15.23 -15.20 23.05
C GLN C 198 14.91 -13.72 22.92
N GLU C 199 15.87 -12.86 23.24
CA GLU C 199 15.69 -11.43 23.08
C GLU C 199 17.03 -10.79 22.78
N VAL C 200 17.00 -9.69 22.02
CA VAL C 200 18.19 -8.97 21.60
C VAL C 200 18.03 -7.52 22.04
N ILE C 201 19.02 -6.98 22.74
CA ILE C 201 18.87 -5.74 23.52
C ILE C 201 19.74 -4.64 22.95
N LEU C 202 19.11 -3.55 22.51
CA LEU C 202 19.81 -2.39 21.98
C LEU C 202 20.32 -1.50 23.11
N MET C 203 21.64 -1.35 23.19
CA MET C 203 22.31 -0.47 24.14
C MET C 203 23.48 0.23 23.48
N HIS C 204 23.88 1.34 24.05
CA HIS C 204 24.98 2.15 23.51
C HIS C 204 26.05 2.29 24.58
N ASP C 205 27.23 1.75 24.32
CA ASP C 205 28.30 1.83 25.31
C ASP C 205 29.07 3.15 25.26
N ILE C 206 28.57 4.14 24.49
CA ILE C 206 29.18 5.46 24.49
C ILE C 206 28.47 6.41 25.43
N HIS C 207 27.39 5.98 26.09
CA HIS C 207 26.67 6.81 27.03
C HIS C 207 26.83 6.27 28.44
N PRO C 208 27.20 7.10 29.41
CA PRO C 208 27.58 6.59 30.75
C PRO C 208 26.43 5.94 31.51
N GLN C 209 25.24 6.52 31.45
CA GLN C 209 24.09 5.93 32.13
C GLN C 209 23.78 4.54 31.59
N SER C 210 24.16 4.26 30.34
CA SER C 210 23.92 2.96 29.74
C SER C 210 24.82 1.91 30.37
N VAL C 211 26.13 2.19 30.36
CA VAL C 211 27.10 1.32 31.01
C VAL C 211 26.75 1.13 32.48
N ALA C 212 26.28 2.20 33.12
CA ALA C 212 25.87 2.10 34.51
C ALA C 212 24.67 1.19 34.68
N ALA C 213 23.76 1.17 33.71
CA ALA C 213 22.57 0.31 33.85
C ALA C 213 22.93 -1.16 33.66
N VAL C 214 24.05 -1.44 33.00
CA VAL C 214 24.42 -2.81 32.67
C VAL C 214 24.52 -3.71 33.90
N PRO C 215 25.30 -3.38 34.94
CA PRO C 215 25.42 -4.29 36.07
C PRO C 215 24.08 -4.76 36.63
N ALA C 216 23.13 -3.83 36.76
CA ALA C 216 21.82 -4.17 37.31
C ALA C 216 21.02 -5.02 36.33
N ILE C 217 21.16 -4.75 35.04
CA ILE C 217 20.43 -5.56 34.07
C ILE C 217 20.89 -7.00 34.14
N LEU C 218 22.19 -7.21 34.37
CA LEU C 218 22.72 -8.58 34.42
C LEU C 218 22.10 -9.39 35.54
N LYS C 219 21.93 -8.77 36.71
CA LYS C 219 21.37 -9.49 37.86
C LYS C 219 19.88 -9.78 37.66
N GLY C 220 19.17 -8.88 36.97
CA GLY C 220 17.74 -9.06 36.81
C GLY C 220 17.38 -10.07 35.74
N LEU C 221 18.17 -10.15 34.67
CA LEU C 221 17.84 -11.08 33.60
C LEU C 221 18.20 -12.51 33.96
N LYS C 222 19.21 -12.71 34.80
CA LYS C 222 19.51 -14.07 35.26
C LYS C 222 18.38 -14.62 36.11
N GLU C 223 17.72 -13.78 36.91
CA GLU C 223 16.58 -14.22 37.71
C GLU C 223 15.35 -14.47 36.86
N LYS C 224 15.30 -13.93 35.65
CA LYS C 224 14.24 -14.25 34.70
C LYS C 224 14.52 -15.56 33.96
N GLY C 225 15.65 -16.22 34.23
CA GLY C 225 16.00 -17.49 33.61
C GLY C 225 16.79 -17.42 32.31
N TYR C 226 17.29 -16.24 31.94
CA TYR C 226 18.04 -16.08 30.71
C TYR C 226 19.49 -16.49 30.90
N GLU C 227 20.18 -16.65 29.78
CA GLU C 227 21.63 -16.81 29.72
C GLU C 227 22.18 -15.69 28.86
N PHE C 228 23.41 -15.27 29.13
CA PHE C 228 24.00 -14.08 28.52
C PHE C 228 25.00 -14.47 27.44
N GLU C 229 24.53 -14.50 26.19
CA GLU C 229 25.35 -15.03 25.10
C GLU C 229 25.76 -13.95 24.10
N ALA C 230 26.85 -14.27 23.39
CA ALA C 230 27.25 -13.57 22.19
C ALA C 230 26.66 -14.26 20.96
N TYR C 231 26.62 -13.51 19.87
CA TYR C 231 26.22 -14.06 18.59
C TYR C 231 27.25 -15.07 18.08
N HIS C 232 26.77 -16.17 17.49
CA HIS C 232 27.61 -17.15 16.81
C HIS C 232 27.18 -17.33 15.37
N GLU C 233 28.13 -17.20 14.45
CA GLU C 233 27.78 -17.15 13.04
C GLU C 233 27.17 -18.46 12.55
N GLU C 234 27.71 -19.60 12.99
CA GLU C 234 27.07 -20.87 12.68
C GLU C 234 25.71 -21.03 13.37
N SER C 235 25.48 -20.31 14.47
CA SER C 235 24.20 -20.34 15.17
C SER C 235 23.20 -19.36 14.62
N HIS C 236 23.41 -18.82 13.41
CA HIS C 236 22.63 -17.67 12.97
C HIS C 236 21.15 -17.96 12.88
N PHE C 237 20.35 -16.97 13.26
CA PHE C 237 18.90 -16.99 13.09
C PHE C 237 18.44 -15.55 12.89
N PRO C 238 17.34 -15.34 12.16
CA PRO C 238 17.00 -13.98 11.71
C PRO C 238 16.35 -13.19 12.83
N VAL C 239 16.78 -11.94 13.01
CA VAL C 239 16.13 -10.98 13.91
C VAL C 239 16.09 -9.62 13.22
N ASN C 240 15.15 -9.42 12.30
CA ASN C 240 15.11 -8.15 11.57
C ASN C 240 13.66 -7.69 11.42
N PHE C 241 13.48 -6.37 11.37
CA PHE C 241 12.15 -5.76 11.30
C PHE C 241 11.40 -6.15 10.04
N TRP C 242 12.12 -6.32 8.95
CA TRP C 242 11.50 -6.74 7.71
C TRP C 242 11.03 -8.18 7.75
N HIS C 243 11.29 -8.91 8.85
CA HIS C 243 11.04 -10.35 8.90
C HIS C 243 11.65 -11.06 7.68
N ASP C 244 12.82 -10.57 7.26
CA ASP C 244 13.51 -11.04 6.06
C ASP C 244 14.50 -12.12 6.47
N ASN C 245 14.09 -13.38 6.30
CA ASN C 245 14.84 -14.52 6.80
C ASN C 245 16.04 -14.87 5.92
N ARG C 246 16.32 -14.09 4.88
CA ARG C 246 17.59 -14.27 4.20
C ARG C 246 18.74 -13.65 4.99
N MET C 247 18.41 -13.03 6.12
CA MET C 247 19.34 -12.31 7.00
C MET C 247 19.15 -12.73 8.47
N ARG D 42 -17.18 -24.71 -13.90
CA ARG D 42 -15.73 -24.86 -13.87
C ARG D 42 -15.00 -23.52 -13.77
N LYS D 43 -14.18 -23.35 -12.73
CA LYS D 43 -13.45 -22.10 -12.48
C LYS D 43 -11.97 -22.27 -12.86
N VAL D 44 -11.36 -21.16 -13.33
CA VAL D 44 -9.94 -21.11 -13.68
C VAL D 44 -9.34 -19.78 -13.27
N ALA D 45 -8.19 -19.82 -12.60
CA ALA D 45 -7.48 -18.65 -12.11
C ALA D 45 -6.16 -18.53 -12.85
N TYR D 46 -6.03 -17.49 -13.66
CA TYR D 46 -4.83 -17.26 -14.48
C TYR D 46 -3.90 -16.33 -13.72
N LEU D 47 -2.89 -16.89 -13.06
CA LEU D 47 -1.88 -16.03 -12.46
C LEU D 47 -0.99 -15.43 -13.54
N THR D 48 -0.71 -14.14 -13.40
CA THR D 48 0.21 -13.47 -14.30
C THR D 48 1.21 -12.71 -13.44
N PHE D 49 2.47 -12.72 -13.88
CA PHE D 49 3.56 -12.13 -13.14
C PHE D 49 4.28 -11.20 -14.10
N ASP D 50 4.26 -9.92 -13.78
CA ASP D 50 4.74 -8.89 -14.67
C ASP D 50 6.12 -8.35 -14.28
N ASP D 51 6.80 -7.82 -15.29
CA ASP D 51 8.06 -7.10 -15.19
C ASP D 51 9.23 -7.99 -14.77
N GLY D 52 9.10 -9.31 -14.94
CA GLY D 52 10.19 -10.22 -14.68
C GLY D 52 11.03 -10.51 -15.91
N PRO D 53 11.89 -11.53 -15.84
CA PRO D 53 12.20 -12.35 -14.67
C PRO D 53 13.20 -11.62 -13.79
N GLY D 54 13.42 -12.12 -12.58
CA GLY D 54 14.25 -11.42 -11.62
C GLY D 54 14.67 -12.34 -10.49
N LYS D 55 15.35 -11.76 -9.49
CA LYS D 55 16.02 -12.60 -8.49
C LYS D 55 15.05 -13.43 -7.67
N TYR D 56 13.79 -13.04 -7.56
CA TYR D 56 12.86 -13.89 -6.84
C TYR D 56 12.15 -14.87 -7.77
N THR D 57 12.27 -14.67 -9.09
CA THR D 57 11.52 -15.48 -10.07
C THR D 57 11.67 -16.96 -9.79
N ALA D 58 12.87 -17.38 -9.41
CA ALA D 58 13.24 -18.80 -9.35
C ALA D 58 12.53 -19.51 -8.21
N GLU D 59 12.64 -18.96 -7.00
CA GLU D 59 11.84 -19.42 -5.86
C GLU D 59 10.35 -19.50 -6.20
N LEU D 60 9.80 -18.46 -6.85
CA LEU D 60 8.40 -18.50 -7.30
C LEU D 60 8.15 -19.67 -8.25
N LEU D 61 9.06 -19.91 -9.19
CA LEU D 61 8.94 -21.09 -10.04
C LEU D 61 8.82 -22.37 -9.24
N ASN D 62 9.51 -22.45 -8.09
CA ASN D 62 9.41 -23.65 -7.26
C ASN D 62 8.09 -23.78 -6.53
N THR D 63 7.46 -22.67 -6.15
CA THR D 63 6.22 -22.79 -5.40
C THR D 63 5.10 -23.27 -6.30
N LEU D 64 5.14 -22.86 -7.57
CA LEU D 64 4.18 -23.36 -8.54
C LEU D 64 4.34 -24.87 -8.72
N LYS D 65 5.58 -25.31 -8.95
CA LYS D 65 5.95 -26.73 -9.04
C LYS D 65 5.28 -27.57 -7.95
N GLN D 66 5.26 -27.07 -6.70
CA GLN D 66 4.78 -27.85 -5.55
C GLN D 66 3.27 -27.99 -5.54
N HIS D 67 2.55 -26.99 -6.07
CA HIS D 67 1.10 -27.04 -6.14
C HIS D 67 0.59 -27.47 -7.52
N ASP D 68 1.48 -27.94 -8.40
CA ASP D 68 1.14 -28.35 -9.76
C ASP D 68 0.31 -27.27 -10.46
N ALA D 69 0.81 -26.06 -10.38
CA ALA D 69 0.09 -24.85 -10.75
C ALA D 69 0.79 -24.16 -11.91
N LYS D 70 0.05 -23.91 -12.98
CA LYS D 70 0.62 -23.28 -14.16
C LYS D 70 0.22 -21.82 -14.24
N ALA D 71 1.10 -20.99 -14.79
CA ALA D 71 1.00 -19.54 -14.69
C ALA D 71 1.48 -18.89 -15.97
N THR D 72 1.51 -17.55 -15.99
CA THR D 72 1.74 -16.76 -17.19
C THR D 72 2.69 -15.61 -16.89
N PHE D 73 3.63 -15.37 -17.80
CA PHE D 73 4.72 -14.42 -17.54
C PHE D 73 4.90 -13.41 -18.65
N PHE D 74 4.93 -12.13 -18.26
CA PHE D 74 5.17 -11.05 -19.19
C PHE D 74 6.48 -10.45 -18.81
N LEU D 75 7.42 -10.42 -19.75
CA LEU D 75 8.81 -10.14 -19.39
C LEU D 75 9.31 -8.90 -20.11
N ILE D 76 10.13 -8.15 -19.42
CA ILE D 76 10.80 -7.01 -20.04
C ILE D 76 12.06 -7.50 -20.71
N GLY D 77 12.35 -6.97 -21.90
CA GLY D 77 13.43 -7.51 -22.71
C GLY D 77 14.79 -7.42 -22.08
N ALA D 78 15.00 -6.45 -21.18
CA ALA D 78 16.28 -6.37 -20.51
C ALA D 78 16.46 -7.52 -19.53
N ASN D 79 15.39 -7.90 -18.83
CA ASN D 79 15.45 -9.03 -17.93
C ASN D 79 15.49 -10.35 -18.69
N VAL D 80 14.99 -10.34 -19.91
CA VAL D 80 15.10 -11.51 -20.79
C VAL D 80 16.56 -11.79 -21.11
N LYS D 81 17.36 -10.74 -21.23
CA LYS D 81 18.75 -10.91 -21.58
C LYS D 81 19.58 -11.34 -20.38
N GLU D 82 19.31 -10.80 -19.22
CA GLU D 82 20.18 -11.11 -18.10
C GLU D 82 19.78 -12.38 -17.37
N PHE D 83 18.56 -12.86 -17.55
CA PHE D 83 18.09 -14.04 -16.83
C PHE D 83 17.53 -15.07 -17.79
N PRO D 84 18.27 -15.39 -18.84
CA PRO D 84 17.66 -16.21 -19.90
C PRO D 84 17.34 -17.62 -19.46
N ASP D 85 18.13 -18.21 -18.55
CA ASP D 85 17.78 -19.55 -18.08
C ASP D 85 16.45 -19.55 -17.36
N LEU D 86 16.09 -18.42 -16.74
CA LEU D 86 14.78 -18.32 -16.09
C LEU D 86 13.65 -18.38 -17.11
N VAL D 87 13.83 -17.74 -18.27
CA VAL D 87 12.81 -17.82 -19.30
C VAL D 87 12.53 -19.29 -19.65
N LYS D 88 13.58 -20.02 -20.09
CA LYS D 88 13.41 -21.42 -20.46
C LYS D 88 12.83 -22.26 -19.34
N ARG D 89 13.16 -21.92 -18.09
CA ARG D 89 12.59 -22.67 -16.99
C ARG D 89 11.08 -22.43 -16.89
N GLU D 90 10.66 -21.16 -16.84
CA GLU D 90 9.25 -20.79 -16.93
C GLU D 90 8.56 -21.55 -18.06
N ASN D 91 9.22 -21.63 -19.22
CA ASN D 91 8.62 -22.31 -20.36
C ASN D 91 8.66 -23.82 -20.21
N ALA D 92 9.86 -24.38 -20.05
CA ALA D 92 9.99 -25.82 -19.80
C ALA D 92 8.99 -26.33 -18.77
N GLU D 93 8.53 -25.46 -17.86
CA GLU D 93 7.69 -25.92 -16.76
C GLU D 93 6.20 -25.67 -16.98
N GLY D 94 5.78 -25.44 -18.22
CA GLY D 94 4.38 -25.39 -18.56
C GLY D 94 3.76 -24.02 -18.56
N HIS D 95 4.49 -23.00 -18.14
CA HIS D 95 3.91 -21.68 -18.04
C HIS D 95 3.98 -21.00 -19.39
N TYR D 96 3.10 -20.00 -19.57
CA TYR D 96 3.11 -19.17 -20.77
C TYR D 96 4.11 -18.05 -20.57
N VAL D 97 4.91 -17.81 -21.59
CA VAL D 97 5.91 -16.76 -21.58
C VAL D 97 5.47 -15.76 -22.62
N GLY D 98 5.21 -14.53 -22.16
CA GLY D 98 4.67 -13.51 -23.02
C GLY D 98 5.39 -12.18 -22.79
N MET D 99 5.05 -11.22 -23.64
CA MET D 99 5.82 -10.00 -23.72
C MET D 99 5.27 -8.89 -22.81
N HIS D 100 6.19 -8.00 -22.39
CA HIS D 100 5.85 -6.83 -21.58
C HIS D 100 6.68 -5.61 -21.98
N SER D 101 7.09 -5.55 -23.24
CA SER D 101 7.85 -4.45 -23.86
C SER D 101 9.32 -4.54 -23.51
N MET D 102 10.11 -3.61 -24.05
CA MET D 102 11.55 -3.51 -23.79
C MET D 102 11.87 -2.48 -22.74
N THR D 103 11.25 -1.31 -22.80
CA THR D 103 11.60 -0.19 -21.94
C THR D 103 10.64 0.02 -20.76
N HIS D 104 9.39 -0.47 -20.86
CA HIS D 104 8.38 -0.20 -19.81
C HIS D 104 8.29 1.29 -19.55
N ASN D 105 8.32 2.07 -20.64
CA ASN D 105 8.29 3.52 -20.59
C ASN D 105 7.04 4.04 -21.31
N PHE D 106 6.18 4.74 -20.56
CA PHE D 106 4.89 5.15 -21.09
C PHE D 106 5.06 6.09 -22.28
N ALA D 107 5.91 7.11 -22.12
CA ALA D 107 6.16 8.07 -23.18
C ALA D 107 6.49 7.38 -24.49
N LYS D 108 7.51 6.51 -24.46
CA LYS D 108 7.96 5.84 -25.68
C LYS D 108 6.92 4.84 -26.18
N LEU D 109 6.28 4.12 -25.27
CA LEU D 109 5.32 3.10 -25.68
C LEU D 109 4.13 3.69 -26.39
N TYR D 110 3.52 4.71 -25.77
CA TYR D 110 2.17 5.13 -26.14
C TYR D 110 2.13 6.48 -26.84
N LYS D 111 2.74 7.52 -26.27
CA LYS D 111 2.75 8.84 -26.91
C LYS D 111 3.64 8.88 -28.15
N ASN D 112 4.65 8.01 -28.22
CA ASN D 112 5.46 7.86 -29.42
C ASN D 112 5.11 6.60 -30.21
N GLY D 113 4.25 5.75 -29.67
CA GLY D 113 3.67 4.65 -30.40
C GLY D 113 4.61 3.50 -30.67
N GLU D 114 5.62 3.31 -29.82
CA GLU D 114 6.59 2.24 -30.02
C GLU D 114 6.12 0.92 -29.45
N TYR D 115 4.87 0.83 -28.99
CA TYR D 115 4.36 -0.40 -28.39
C TYR D 115 4.64 -1.61 -29.28
N VAL D 116 4.14 -1.58 -30.52
CA VAL D 116 4.26 -2.75 -31.39
C VAL D 116 5.72 -3.09 -31.65
N ASN D 117 6.55 -2.07 -31.87
CA ASN D 117 7.98 -2.31 -32.03
C ASN D 117 8.55 -3.05 -30.84
N GLU D 118 8.36 -2.47 -29.65
CA GLU D 118 8.93 -3.04 -28.42
C GLU D 118 8.43 -4.45 -28.16
N MET D 119 7.14 -4.69 -28.39
CA MET D 119 6.63 -6.04 -28.16
C MET D 119 7.22 -7.02 -29.17
N LYS D 120 7.40 -6.57 -30.41
CA LYS D 120 8.06 -7.39 -31.43
C LYS D 120 9.49 -7.74 -31.03
N GLU D 121 10.32 -6.72 -30.80
CA GLU D 121 11.72 -6.91 -30.41
C GLU D 121 11.84 -7.86 -29.23
N ASP D 122 10.97 -7.69 -28.24
CA ASP D 122 10.90 -8.62 -27.12
C ASP D 122 10.67 -10.04 -27.60
N GLN D 123 9.55 -10.27 -28.32
CA GLN D 123 9.20 -11.57 -28.88
C GLN D 123 10.41 -12.19 -29.58
N GLY D 124 11.21 -11.36 -30.23
CA GLY D 124 12.45 -11.80 -30.83
C GLY D 124 13.31 -12.50 -29.81
N LEU D 125 13.66 -11.77 -28.75
CA LEU D 125 14.50 -12.34 -27.71
C LEU D 125 13.87 -13.57 -27.10
N ILE D 126 12.56 -13.53 -26.84
CA ILE D 126 11.89 -14.66 -26.22
C ILE D 126 12.01 -15.89 -27.12
N ALA D 127 12.01 -15.68 -28.43
CA ALA D 127 11.98 -16.80 -29.37
C ALA D 127 13.35 -17.45 -29.51
N ASN D 128 14.41 -16.64 -29.67
CA ASN D 128 15.80 -17.11 -29.69
C ASN D 128 16.15 -17.88 -28.42
N ILE D 129 15.17 -18.08 -27.57
CA ILE D 129 15.44 -18.61 -26.24
C ILE D 129 14.50 -19.79 -25.99
N ILE D 130 13.27 -19.72 -26.46
CA ILE D 130 12.33 -20.82 -26.26
C ILE D 130 11.84 -21.42 -27.58
N GLY D 131 12.12 -20.81 -28.71
CA GLY D 131 11.79 -21.44 -29.96
C GLY D 131 10.32 -21.42 -30.33
N LYS D 132 9.57 -20.47 -29.78
CA LYS D 132 8.23 -20.10 -30.22
C LYS D 132 8.13 -18.59 -30.12
N SER D 133 7.38 -17.97 -31.03
CA SER D 133 7.08 -16.55 -30.89
C SER D 133 5.75 -16.38 -30.17
N PRO D 134 5.76 -16.01 -28.90
CA PRO D 134 4.49 -15.78 -28.21
C PRO D 134 3.78 -14.58 -28.79
N LYS D 135 2.47 -14.68 -28.93
CA LYS D 135 1.73 -13.57 -29.51
C LYS D 135 1.03 -12.67 -28.49
N LEU D 136 0.91 -13.08 -27.23
CA LEU D 136 0.16 -12.31 -26.24
C LEU D 136 1.05 -11.29 -25.52
N THR D 137 0.52 -10.07 -25.32
CA THR D 137 1.25 -8.98 -24.68
C THR D 137 0.44 -8.38 -23.55
N ARG D 138 1.16 -7.76 -22.62
CA ARG D 138 0.58 -7.17 -21.41
C ARG D 138 1.17 -5.78 -21.30
N PRO D 139 0.36 -4.74 -21.48
CA PRO D 139 0.92 -3.39 -21.64
C PRO D 139 1.40 -2.86 -20.31
N PRO D 140 2.58 -2.25 -20.27
CA PRO D 140 3.00 -1.53 -19.06
C PRO D 140 1.97 -0.47 -18.68
N TYR D 141 1.55 -0.52 -17.41
CA TYR D 141 0.57 0.39 -16.84
C TYR D 141 -0.84 0.15 -17.37
N GLY D 142 -1.04 -0.90 -18.17
CA GLY D 142 -2.34 -1.26 -18.70
C GLY D 142 -2.71 -0.53 -19.98
N SER D 143 -3.49 -1.20 -20.83
CA SER D 143 -3.92 -0.60 -22.10
C SER D 143 -4.66 0.72 -21.92
N MET D 144 -5.32 0.91 -20.77
CA MET D 144 -6.11 2.10 -20.51
C MET D 144 -5.27 3.13 -19.76
N PRO D 145 -5.07 4.34 -20.29
CA PRO D 145 -5.58 4.74 -21.60
C PRO D 145 -4.53 4.77 -22.72
N GLY D 146 -3.37 4.12 -22.56
CA GLY D 146 -2.28 4.37 -23.50
C GLY D 146 -2.53 3.79 -24.88
N LEU D 147 -3.16 2.62 -24.94
CA LEU D 147 -3.27 1.90 -26.20
C LEU D 147 -4.43 2.45 -26.99
N ASN D 148 -4.22 3.60 -27.62
CA ASN D 148 -5.31 4.26 -28.34
C ASN D 148 -5.76 3.41 -29.55
N GLU D 149 -6.83 3.88 -30.20
CA GLU D 149 -7.38 3.12 -31.32
C GLU D 149 -6.34 2.95 -32.42
N GLY D 150 -5.52 3.99 -32.64
CA GLY D 150 -4.38 3.89 -33.54
C GLY D 150 -3.45 2.73 -33.23
N LEU D 151 -2.83 2.76 -32.05
CA LEU D 151 -1.99 1.64 -31.63
C LEU D 151 -2.78 0.34 -31.65
N ARG D 152 -3.99 0.35 -31.08
CA ARG D 152 -4.77 -0.89 -31.04
C ARG D 152 -4.95 -1.46 -32.43
N ASN D 153 -5.12 -0.60 -33.43
CA ASN D 153 -5.24 -1.09 -34.80
C ASN D 153 -3.97 -1.79 -35.26
N LYS D 154 -2.82 -1.14 -35.08
CA LYS D 154 -1.55 -1.78 -35.42
C LYS D 154 -1.34 -3.05 -34.60
N VAL D 155 -1.60 -3.00 -33.29
CA VAL D 155 -1.58 -4.19 -32.44
C VAL D 155 -2.23 -5.38 -33.15
N VAL D 156 -3.38 -5.13 -33.77
CA VAL D 156 -4.13 -6.19 -34.42
C VAL D 156 -3.52 -6.52 -35.77
N GLU D 157 -2.97 -5.50 -36.44
CA GLU D 157 -2.34 -5.70 -37.74
C GLU D 157 -1.11 -6.60 -37.62
N GLY D 158 -0.36 -6.49 -36.52
CA GLY D 158 0.85 -7.25 -36.30
C GLY D 158 0.71 -8.68 -35.82
N GLY D 159 -0.51 -9.13 -35.51
CA GLY D 159 -0.73 -10.49 -35.07
C GLY D 159 -0.88 -10.69 -33.57
N PHE D 160 -0.72 -9.63 -32.78
CA PHE D 160 -0.64 -9.76 -31.33
C PHE D 160 -2.01 -9.71 -30.67
N LYS D 161 -2.09 -10.37 -29.51
CA LYS D 161 -3.20 -10.20 -28.57
C LYS D 161 -2.68 -9.41 -27.36
N VAL D 162 -3.62 -8.87 -26.59
CA VAL D 162 -3.30 -7.98 -25.49
C VAL D 162 -4.15 -8.38 -24.30
N TRP D 163 -3.51 -8.64 -23.17
CA TRP D 163 -4.22 -8.86 -21.91
C TRP D 163 -3.93 -7.73 -20.92
N ASP D 164 -5.01 -7.30 -20.25
CA ASP D 164 -5.03 -6.54 -19.01
C ASP D 164 -5.35 -7.55 -17.91
N TRP D 165 -6.17 -7.18 -16.92
CA TRP D 165 -6.46 -8.10 -15.83
C TRP D 165 -7.80 -7.74 -15.21
N THR D 166 -8.35 -8.67 -14.44
CA THR D 166 -9.55 -8.39 -13.67
C THR D 166 -9.27 -8.17 -12.20
N ILE D 167 -8.10 -8.55 -11.72
CA ILE D 167 -7.72 -8.40 -10.31
C ILE D 167 -6.32 -7.83 -10.23
N ASP D 168 -6.19 -6.75 -9.51
CA ASP D 168 -4.90 -6.08 -9.29
C ASP D 168 -4.49 -6.35 -7.86
N SER D 169 -3.60 -7.34 -7.65
CA SER D 169 -3.09 -7.65 -6.32
C SER D 169 -2.49 -6.44 -5.62
N LEU D 170 -2.01 -5.46 -6.39
CA LEU D 170 -1.31 -4.29 -5.86
C LEU D 170 -0.08 -4.67 -5.08
N ASP D 171 0.42 -5.90 -5.27
CA ASP D 171 1.55 -6.39 -4.49
C ASP D 171 2.65 -5.34 -4.40
N TRP D 172 2.89 -4.63 -5.48
CA TRP D 172 4.06 -3.81 -5.54
C TRP D 172 3.95 -2.56 -4.70
N ARG D 173 2.81 -2.32 -4.07
CA ARG D 173 2.70 -1.15 -3.22
C ARG D 173 3.02 -1.47 -1.76
N TYR D 174 3.14 -2.75 -1.43
CA TYR D 174 3.44 -3.17 -0.07
C TYR D 174 4.93 -3.33 0.17
N ASN D 175 5.71 -2.38 -0.33
CA ASN D 175 7.16 -2.36 -0.25
C ASN D 175 7.70 -1.70 1.03
N LYS D 176 6.87 -1.51 2.07
CA LYS D 176 7.34 -0.68 3.19
C LYS D 176 6.91 -1.27 4.52
N MET D 177 6.89 -2.59 4.63
CA MET D 177 6.40 -3.24 5.83
C MET D 177 7.00 -4.63 5.92
N PRO D 178 6.94 -5.27 7.09
CA PRO D 178 7.43 -6.66 7.21
C PRO D 178 6.87 -7.54 6.11
N VAL D 179 7.71 -8.42 5.56
CA VAL D 179 7.34 -9.10 4.33
C VAL D 179 6.24 -10.13 4.58
N ASP D 180 6.32 -10.86 5.70
CA ASP D 180 5.27 -11.84 6.04
C ASP D 180 3.89 -11.19 6.15
N ALA D 181 3.85 -9.89 6.45
CA ALA D 181 2.61 -9.18 6.66
C ALA D 181 2.07 -8.66 5.34
N ALA D 182 2.93 -8.00 4.56
CA ALA D 182 2.52 -7.56 3.22
C ALA D 182 2.01 -8.73 2.43
N ALA D 183 2.72 -9.88 2.49
CA ALA D 183 2.23 -11.07 1.82
C ALA D 183 0.81 -11.40 2.25
N ALA D 184 0.54 -11.35 3.56
CA ALA D 184 -0.80 -11.71 4.06
C ALA D 184 -1.86 -10.77 3.51
N GLN D 185 -1.54 -9.48 3.38
CA GLN D 185 -2.49 -8.53 2.83
C GLN D 185 -2.68 -8.77 1.34
N ILE D 186 -1.59 -8.82 0.58
CA ILE D 186 -1.69 -9.08 -0.86
C ILE D 186 -2.46 -10.37 -1.12
N ALA D 187 -2.38 -11.33 -0.21
CA ALA D 187 -3.16 -12.55 -0.37
C ALA D 187 -4.63 -12.26 -0.17
N GLN D 188 -4.95 -11.57 0.93
CA GLN D 188 -6.32 -11.16 1.21
C GLN D 188 -6.87 -10.35 0.05
N ASN D 189 -6.05 -9.45 -0.49
CA ASN D 189 -6.47 -8.66 -1.64
C ASN D 189 -6.94 -9.54 -2.77
N VAL D 190 -6.19 -10.60 -3.07
CA VAL D 190 -6.58 -11.41 -4.22
C VAL D 190 -7.72 -12.32 -3.85
N LEU D 191 -7.64 -12.96 -2.68
CA LEU D 191 -8.67 -13.91 -2.31
C LEU D 191 -10.05 -13.27 -2.32
N THR D 192 -10.19 -12.09 -1.70
CA THR D 192 -11.50 -11.48 -1.60
C THR D 192 -11.99 -10.87 -2.92
N ASN D 193 -11.37 -11.18 -4.05
CA ASN D 193 -11.88 -10.70 -5.34
C ASN D 193 -12.05 -11.83 -6.36
N ALA D 194 -11.92 -13.08 -5.92
CA ALA D 194 -12.19 -14.23 -6.76
C ALA D 194 -13.68 -14.55 -6.69
N THR D 195 -14.39 -14.22 -7.76
CA THR D 195 -15.84 -14.31 -7.80
C THR D 195 -16.25 -14.85 -9.16
N LYS D 196 -15.73 -14.24 -10.21
CA LYS D 196 -16.05 -14.64 -11.57
C LYS D 196 -15.35 -15.96 -11.93
N PRO D 197 -16.03 -16.84 -12.67
CA PRO D 197 -15.42 -18.14 -13.04
C PRO D 197 -14.02 -18.05 -13.59
N GLN D 198 -13.75 -17.03 -14.38
CA GLN D 198 -12.38 -16.71 -14.77
C GLN D 198 -11.98 -15.41 -14.10
N GLU D 199 -10.74 -15.36 -13.62
CA GLU D 199 -10.14 -14.12 -13.14
C GLU D 199 -8.67 -14.09 -13.58
N VAL D 200 -8.18 -12.90 -13.90
CA VAL D 200 -6.82 -12.71 -14.37
C VAL D 200 -6.10 -11.86 -13.35
N ILE D 201 -5.25 -12.50 -12.56
CA ILE D 201 -4.67 -11.91 -11.38
C ILE D 201 -3.32 -11.31 -11.75
N LEU D 202 -3.12 -10.06 -11.36
CA LEU D 202 -1.94 -9.30 -11.71
C LEU D 202 -0.99 -9.37 -10.54
N MET D 203 0.23 -9.84 -10.80
CA MET D 203 1.28 -9.85 -9.80
C MET D 203 2.58 -9.46 -10.48
N HIS D 204 3.59 -9.25 -9.66
CA HIS D 204 4.94 -8.91 -10.12
C HIS D 204 5.93 -9.84 -9.43
N ASP D 205 6.64 -10.65 -10.23
CA ASP D 205 7.61 -11.59 -9.68
C ASP D 205 8.93 -10.93 -9.34
N ILE D 206 9.01 -9.60 -9.38
CA ILE D 206 10.26 -8.94 -9.09
C ILE D 206 10.26 -8.31 -7.70
N HIS D 207 9.35 -8.73 -6.80
CA HIS D 207 9.24 -8.18 -5.44
C HIS D 207 9.06 -9.33 -4.46
N PRO D 208 9.75 -9.28 -3.32
CA PRO D 208 9.69 -10.41 -2.39
C PRO D 208 8.33 -10.61 -1.76
N GLN D 209 7.63 -9.52 -1.41
CA GLN D 209 6.32 -9.64 -0.77
C GLN D 209 5.35 -10.36 -1.67
N SER D 210 5.56 -10.24 -2.98
CA SER D 210 4.69 -10.82 -4.00
C SER D 210 4.81 -12.33 -3.97
N VAL D 211 6.00 -12.83 -4.32
CA VAL D 211 6.26 -14.26 -4.30
C VAL D 211 5.87 -14.86 -2.95
N ALA D 212 6.09 -14.12 -1.85
CA ALA D 212 5.70 -14.60 -0.53
C ALA D 212 4.20 -14.78 -0.42
N ALA D 213 3.42 -13.96 -1.15
CA ALA D 213 1.97 -14.03 -1.08
C ALA D 213 1.42 -15.27 -1.78
N VAL D 214 1.89 -15.53 -3.00
CA VAL D 214 1.40 -16.57 -3.89
C VAL D 214 1.09 -17.92 -3.23
N PRO D 215 1.91 -18.44 -2.32
CA PRO D 215 1.48 -19.64 -1.58
C PRO D 215 0.10 -19.49 -0.94
N ALA D 216 -0.13 -18.40 -0.20
CA ALA D 216 -1.43 -18.20 0.44
C ALA D 216 -2.53 -18.07 -0.60
N ILE D 217 -2.27 -17.30 -1.65
CA ILE D 217 -3.16 -17.21 -2.83
C ILE D 217 -3.53 -18.60 -3.34
N LEU D 218 -2.51 -19.41 -3.65
CA LEU D 218 -2.72 -20.70 -4.28
C LEU D 218 -3.58 -21.61 -3.39
N LYS D 219 -3.27 -21.66 -2.10
CA LYS D 219 -4.08 -22.46 -1.19
C LYS D 219 -5.52 -22.01 -1.25
N GLY D 220 -5.73 -20.68 -1.26
CA GLY D 220 -7.04 -20.09 -1.12
C GLY D 220 -7.92 -20.28 -2.33
N LEU D 221 -7.50 -19.77 -3.48
CA LEU D 221 -8.31 -19.95 -4.68
C LEU D 221 -8.67 -21.42 -4.89
N LYS D 222 -7.70 -22.31 -4.72
CA LYS D 222 -7.97 -23.72 -4.90
C LYS D 222 -9.05 -24.20 -3.94
N GLU D 223 -9.01 -23.77 -2.68
CA GLU D 223 -10.12 -24.14 -1.81
C GLU D 223 -11.38 -23.34 -2.10
N LYS D 224 -11.30 -22.28 -2.90
CA LYS D 224 -12.47 -21.65 -3.48
C LYS D 224 -12.91 -22.28 -4.78
N GLY D 225 -12.21 -23.30 -5.26
CA GLY D 225 -12.61 -24.00 -6.47
C GLY D 225 -12.02 -23.51 -7.76
N TYR D 226 -10.89 -22.81 -7.72
CA TYR D 226 -10.22 -22.40 -8.95
C TYR D 226 -9.13 -23.39 -9.33
N GLU D 227 -8.82 -23.44 -10.63
CA GLU D 227 -7.66 -24.15 -11.13
C GLU D 227 -6.71 -23.13 -11.73
N PHE D 228 -5.43 -23.46 -11.73
CA PHE D 228 -4.37 -22.49 -11.99
C PHE D 228 -3.72 -22.86 -13.32
N GLU D 229 -4.25 -22.28 -14.38
CA GLU D 229 -3.84 -22.62 -15.73
C GLU D 229 -3.02 -21.48 -16.32
N ALA D 230 -2.17 -21.84 -17.26
CA ALA D 230 -1.48 -20.85 -18.04
C ALA D 230 -2.37 -20.45 -19.20
N TYR D 231 -2.04 -19.31 -19.81
CA TYR D 231 -2.73 -18.88 -21.01
C TYR D 231 -2.44 -19.86 -22.15
N HIS D 232 -3.43 -20.07 -23.02
CA HIS D 232 -3.26 -20.89 -24.22
C HIS D 232 -3.72 -20.10 -25.42
N GLU D 233 -2.79 -19.82 -26.33
CA GLU D 233 -3.12 -19.12 -27.57
C GLU D 233 -4.29 -19.77 -28.28
N GLU D 234 -4.28 -21.11 -28.37
CA GLU D 234 -5.37 -21.81 -29.03
CA GLU D 234 -5.39 -21.76 -29.06
C GLU D 234 -6.71 -21.52 -28.36
N SER D 235 -6.68 -21.19 -27.07
CA SER D 235 -7.90 -20.98 -26.30
C SER D 235 -8.20 -19.50 -26.05
N HIS D 236 -7.64 -18.59 -26.86
CA HIS D 236 -7.64 -17.18 -26.51
C HIS D 236 -9.06 -16.67 -26.33
N PHE D 237 -9.25 -15.84 -25.31
CA PHE D 237 -10.45 -15.02 -25.09
C PHE D 237 -9.99 -13.65 -24.60
N PRO D 238 -10.73 -12.59 -24.92
CA PRO D 238 -10.20 -11.24 -24.70
C PRO D 238 -10.36 -10.80 -23.26
N VAL D 239 -9.40 -9.99 -22.81
CA VAL D 239 -9.39 -9.41 -21.47
C VAL D 239 -8.68 -8.07 -21.57
N ASN D 240 -9.44 -6.99 -21.73
CA ASN D 240 -8.80 -5.69 -21.84
C ASN D 240 -9.80 -4.62 -21.44
N PHE D 241 -9.23 -3.50 -20.97
CA PHE D 241 -10.02 -2.38 -20.49
C PHE D 241 -10.84 -1.69 -21.59
N TRP D 242 -10.52 -1.94 -22.86
CA TRP D 242 -11.19 -1.29 -23.98
C TRP D 242 -12.37 -2.08 -24.52
N HIS D 243 -12.68 -3.23 -23.92
CA HIS D 243 -13.76 -4.10 -24.38
C HIS D 243 -13.58 -4.49 -25.85
N ASP D 244 -12.35 -4.37 -26.36
CA ASP D 244 -12.03 -4.58 -27.77
C ASP D 244 -11.74 -6.06 -27.99
N ASN D 245 -12.71 -6.79 -28.53
CA ASN D 245 -12.56 -8.23 -28.76
C ASN D 245 -11.87 -8.53 -30.06
N ARG D 246 -11.00 -7.65 -30.51
CA ARG D 246 -10.03 -8.00 -31.54
C ARG D 246 -8.65 -8.31 -30.92
N MET D 247 -8.56 -8.39 -29.59
CA MET D 247 -7.31 -8.63 -28.86
C MET D 247 -7.55 -9.66 -27.75
#